data_6IOX
#
_entry.id   6IOX
#
_cell.length_a   95.693
_cell.length_b   130.023
_cell.length_c   52.602
_cell.angle_alpha   90.00
_cell.angle_beta   90.00
_cell.angle_gamma   90.00
#
_symmetry.space_group_name_H-M   'P 21 21 2'
#
loop_
_entity.id
_entity.type
_entity.pdbx_description
1 polymer Phosphotransacetylase
2 non-polymer 'ACETYL COENZYME *A'
3 water water
#
_entity_poly.entity_id   1
_entity_poly.type   'polypeptide(L)'
_entity_poly.pdbx_seq_one_letter_code
;GPLGSDLIQDVIRRAQENKQRIVLPEGLEPRTLEAADRLMADKVVNIILIGNVDSVKAKVAELGLKNLDEAVIIDPNNHP
KKQQYTDLLLQIRQKKGLTPEKAAELVENPLYLGCLIVKSGDADGLIAGAQNTTGDVLRPALQVIKTAPGMTSVSGTFLL
FTKAKEYGKDGLLLVADCAVIPNPTADELAQIAVATARTAKAIADIEPRVAMLSFSTKGSAKHEMTDKVVEATRMAQEMA
PDLLIDGEMQADAALVERVAALKAPGSNVAGKANVLVFPTLEVGNIAYKLVERLGHAEAVGPILQGMAAPVNDLSRGCSV
EDIYRMVAITANQAIAAKEQ
;
_entity_poly.pdbx_strand_id   A,B
#
loop_
_chem_comp.id
_chem_comp.type
_chem_comp.name
_chem_comp.formula
ACO non-polymer 'ACETYL COENZYME *A' 'C23 H38 N7 O17 P3 S'
#
# COMPACT_ATOMS: atom_id res chain seq x y z
N GLY A 1 -18.36 -12.19 2.56
CA GLY A 1 -19.63 -11.68 2.04
C GLY A 1 -19.87 -12.11 0.60
N PRO A 2 -20.73 -11.38 -0.14
CA PRO A 2 -21.14 -11.80 -1.48
C PRO A 2 -20.01 -11.70 -2.52
N LEU A 3 -19.01 -10.83 -2.32
CA LEU A 3 -17.93 -10.73 -3.32
C LEU A 3 -17.19 -12.08 -3.46
N GLY A 4 -16.86 -12.73 -2.35
CA GLY A 4 -16.05 -13.97 -2.43
C GLY A 4 -16.86 -15.25 -2.61
N SER A 5 -18.19 -15.15 -2.59
CA SER A 5 -19.03 -16.33 -2.28
C SER A 5 -19.04 -17.34 -3.44
N ASP A 6 -19.05 -16.88 -4.70
CA ASP A 6 -18.99 -17.81 -5.86
C ASP A 6 -17.68 -18.65 -5.82
N LEU A 7 -16.54 -17.99 -5.60
CA LEU A 7 -15.27 -18.73 -5.66
C LEU A 7 -15.18 -19.68 -4.47
N ILE A 8 -15.59 -19.22 -3.28
CA ILE A 8 -15.51 -20.04 -2.11
C ILE A 8 -16.40 -21.28 -2.32
N GLN A 9 -17.58 -21.09 -2.94
CA GLN A 9 -18.45 -22.22 -3.27
C GLN A 9 -17.73 -23.22 -4.17
N ASP A 10 -16.97 -22.76 -5.17
CA ASP A 10 -16.20 -23.63 -6.03
C ASP A 10 -15.12 -24.36 -5.24
N VAL A 11 -14.45 -23.67 -4.31
CA VAL A 11 -13.39 -24.29 -3.50
C VAL A 11 -13.97 -25.46 -2.67
N ILE A 12 -15.11 -25.22 -2.03
CA ILE A 12 -15.76 -26.22 -1.19
C ILE A 12 -16.15 -27.43 -2.06
N ARG A 13 -16.69 -27.16 -3.25
CA ARG A 13 -17.14 -28.19 -4.16
C ARG A 13 -15.93 -29.03 -4.61
N ARG A 14 -14.80 -28.39 -4.97
CA ARG A 14 -13.63 -29.15 -5.42
C ARG A 14 -13.04 -29.98 -4.28
N ALA A 15 -13.12 -29.49 -3.04
CA ALA A 15 -12.74 -30.30 -1.86
C ALA A 15 -13.64 -31.54 -1.76
N GLN A 16 -14.96 -31.33 -1.87
CA GLN A 16 -15.92 -32.42 -1.75
C GLN A 16 -15.68 -33.51 -2.78
N GLU A 17 -15.21 -33.12 -3.98
CA GLU A 17 -15.05 -34.05 -5.09
C GLU A 17 -13.75 -34.86 -4.94
N ASN A 18 -12.82 -34.43 -4.09
CA ASN A 18 -11.59 -35.21 -3.85
C ASN A 18 -11.24 -35.11 -2.36
N LYS A 19 -11.87 -35.94 -1.54
CA LYS A 19 -11.90 -35.70 -0.08
C LYS A 19 -10.53 -35.94 0.54
N GLN A 20 -9.99 -34.92 1.23
CA GLN A 20 -8.70 -34.96 1.87
C GLN A 20 -8.87 -35.16 3.38
N ARG A 21 -7.79 -35.60 4.04
CA ARG A 21 -7.74 -35.78 5.50
C ARG A 21 -7.08 -34.53 6.10
N ILE A 22 -7.79 -33.86 7.00
CA ILE A 22 -7.28 -32.60 7.62
C ILE A 22 -7.18 -32.84 9.13
N VAL A 23 -6.05 -32.42 9.70
CA VAL A 23 -5.83 -32.51 11.14
C VAL A 23 -6.21 -31.17 11.77
N LEU A 24 -7.00 -31.23 12.84
CA LEU A 24 -7.34 -30.12 13.69
C LEU A 24 -6.72 -30.40 15.07
N PRO A 25 -5.51 -29.89 15.34
CA PRO A 25 -4.87 -30.04 16.64
C PRO A 25 -5.64 -29.49 17.83
N GLU A 26 -6.45 -28.45 17.60
CA GLU A 26 -7.16 -27.76 18.69
C GLU A 26 -8.51 -28.45 18.91
N GLY A 27 -8.46 -29.73 19.30
CA GLY A 27 -9.62 -30.60 19.23
C GLY A 27 -10.70 -30.33 20.28
N LEU A 28 -10.48 -29.41 21.22
CA LEU A 28 -11.47 -29.07 22.24
C LEU A 28 -12.02 -27.65 22.02
N GLU A 29 -11.52 -26.94 21.00
CA GLU A 29 -11.89 -25.57 20.79
C GLU A 29 -13.28 -25.56 20.15
N PRO A 30 -14.29 -24.85 20.73
CA PRO A 30 -15.67 -24.96 20.28
C PRO A 30 -15.93 -24.50 18.83
N ARG A 31 -15.32 -23.41 18.38
CA ARG A 31 -15.49 -22.94 17.01
C ARG A 31 -14.98 -23.99 16.02
N THR A 32 -13.84 -24.62 16.34
CA THR A 32 -13.19 -25.64 15.51
C THR A 32 -14.12 -26.87 15.41
N LEU A 33 -14.66 -27.32 16.56
CA LEU A 33 -15.55 -28.48 16.61
C LEU A 33 -16.83 -28.24 15.81
N GLU A 34 -17.42 -27.06 15.98
CA GLU A 34 -18.62 -26.67 15.23
C GLU A 34 -18.33 -26.70 13.73
N ALA A 35 -17.20 -26.13 13.33
CA ALA A 35 -16.80 -26.13 11.92
C ALA A 35 -16.57 -27.57 11.41
N ALA A 36 -15.83 -28.38 12.18
CA ALA A 36 -15.63 -29.79 11.89
C ALA A 36 -16.96 -30.52 11.70
N ASP A 37 -17.95 -30.21 12.53
CA ASP A 37 -19.24 -30.87 12.46
C ASP A 37 -19.91 -30.55 11.10
N ARG A 38 -19.80 -29.29 10.66
CA ARG A 38 -20.40 -28.85 9.38
C ARG A 38 -19.66 -29.45 8.18
N LEU A 39 -18.33 -29.44 8.26
CA LEU A 39 -17.49 -30.02 7.24
C LEU A 39 -17.79 -31.53 7.08
N MET A 40 -18.04 -32.25 8.19
CA MET A 40 -18.33 -33.70 8.12
C MET A 40 -19.76 -33.89 7.58
N ALA A 41 -20.73 -33.09 8.03
CA ALA A 41 -22.10 -33.15 7.51
C ALA A 41 -22.11 -32.97 5.99
N ASP A 42 -21.29 -32.05 5.50
CA ASP A 42 -21.24 -31.67 4.09
C ASP A 42 -20.23 -32.51 3.32
N LYS A 43 -19.52 -33.42 4.00
CA LYS A 43 -18.58 -34.34 3.39
C LYS A 43 -17.47 -33.58 2.64
N VAL A 44 -16.94 -32.51 3.25
CA VAL A 44 -15.96 -31.67 2.59
C VAL A 44 -14.57 -32.31 2.74
N VAL A 45 -14.30 -32.81 3.95
CA VAL A 45 -13.03 -33.45 4.32
C VAL A 45 -13.33 -34.56 5.31
N ASN A 46 -12.33 -35.43 5.50
CA ASN A 46 -12.24 -36.35 6.62
C ASN A 46 -11.47 -35.64 7.74
N ILE A 47 -12.08 -35.56 8.92
CA ILE A 47 -11.51 -34.80 10.02
C ILE A 47 -10.71 -35.74 10.93
N ILE A 48 -9.56 -35.24 11.39
CA ILE A 48 -8.80 -35.86 12.51
C ILE A 48 -8.70 -34.81 13.62
N LEU A 49 -9.20 -35.15 14.81
CA LEU A 49 -9.15 -34.28 15.98
C LEU A 49 -8.08 -34.80 16.93
N ILE A 50 -7.30 -33.88 17.52
CA ILE A 50 -6.32 -34.27 18.51
C ILE A 50 -6.84 -33.87 19.90
N GLY A 51 -6.85 -34.86 20.80
CA GLY A 51 -7.20 -34.64 22.19
C GLY A 51 -7.53 -35.97 22.86
N ASN A 52 -7.64 -35.95 24.20
CA ASN A 52 -8.08 -37.09 24.95
C ASN A 52 -9.46 -37.49 24.42
N VAL A 53 -9.64 -38.78 24.10
CA VAL A 53 -10.82 -39.23 23.36
C VAL A 53 -12.08 -38.97 24.19
N ASP A 54 -12.06 -39.36 25.47
CA ASP A 54 -13.23 -39.14 26.33
C ASP A 54 -13.51 -37.63 26.46
N SER A 55 -12.47 -36.81 26.57
CA SER A 55 -12.69 -35.33 26.69
C SER A 55 -13.31 -34.75 25.41
N VAL A 56 -12.79 -35.17 24.26
CA VAL A 56 -13.29 -34.63 23.01
C VAL A 56 -14.74 -35.06 22.82
N LYS A 57 -15.03 -36.36 23.02
CA LYS A 57 -16.40 -36.87 22.90
C LYS A 57 -17.34 -36.13 23.88
N ALA A 58 -16.88 -35.90 25.11
CA ALA A 58 -17.65 -35.12 26.11
C ALA A 58 -17.94 -33.71 25.59
N LYS A 59 -16.96 -33.07 24.98
CA LYS A 59 -17.16 -31.73 24.48
C LYS A 59 -18.10 -31.74 23.26
N VAL A 60 -17.97 -32.77 22.43
CA VAL A 60 -18.86 -32.89 21.26
C VAL A 60 -20.33 -33.01 21.74
N ALA A 61 -20.59 -33.90 22.71
CA ALA A 61 -21.93 -34.09 23.28
C ALA A 61 -22.41 -32.78 23.93
N GLU A 62 -21.51 -32.09 24.64
CA GLU A 62 -21.81 -30.86 25.32
C GLU A 62 -22.25 -29.77 24.32
N LEU A 63 -21.66 -29.70 23.12
CA LEU A 63 -22.03 -28.65 22.16
C LEU A 63 -23.19 -29.11 21.27
N GLY A 64 -23.62 -30.36 21.44
CA GLY A 64 -24.77 -30.92 20.75
C GLY A 64 -24.48 -31.26 19.29
N LEU A 65 -23.24 -31.65 18.98
CA LEU A 65 -22.88 -31.83 17.62
C LEU A 65 -23.18 -33.28 17.24
N LYS A 66 -23.85 -33.50 16.11
CA LYS A 66 -24.33 -34.82 15.74
C LYS A 66 -23.53 -35.46 14.58
N ASN A 67 -22.57 -34.75 13.97
CA ASN A 67 -21.95 -35.28 12.74
C ASN A 67 -20.49 -35.68 12.94
N LEU A 68 -20.05 -35.92 14.19
CA LEU A 68 -18.62 -36.19 14.47
C LEU A 68 -18.37 -37.59 15.04
N ASP A 69 -19.34 -38.50 14.95
CA ASP A 69 -19.13 -39.82 15.54
C ASP A 69 -18.08 -40.60 14.73
N GLU A 70 -17.91 -40.26 13.45
CA GLU A 70 -16.96 -40.89 12.53
C GLU A 70 -15.63 -40.12 12.49
N ALA A 71 -15.51 -39.01 13.23
CA ALA A 71 -14.25 -38.31 13.27
C ALA A 71 -13.24 -39.23 13.95
N VAL A 72 -12.00 -39.23 13.45
CA VAL A 72 -10.89 -39.85 14.12
C VAL A 72 -10.40 -38.90 15.23
N ILE A 73 -10.19 -39.43 16.44
CA ILE A 73 -9.65 -38.66 17.55
C ILE A 73 -8.37 -39.36 17.98
N ILE A 74 -7.26 -38.62 18.03
CA ILE A 74 -5.96 -39.15 18.44
C ILE A 74 -5.52 -38.46 19.74
N ASP A 75 -5.38 -39.26 20.80
CA ASP A 75 -4.91 -38.75 22.09
C ASP A 75 -3.40 -38.65 22.02
N PRO A 76 -2.84 -37.43 22.15
CA PRO A 76 -1.40 -37.27 22.01
C PRO A 76 -0.60 -38.03 23.08
N ASN A 77 -1.24 -38.35 24.20
CA ASN A 77 -0.54 -39.06 25.29
C ASN A 77 -0.40 -40.55 25.00
N ASN A 78 -1.27 -41.10 24.17
CA ASN A 78 -1.35 -42.55 23.97
C ASN A 78 -2.15 -42.88 22.70
N HIS A 79 -1.45 -43.35 21.67
CA HIS A 79 -2.01 -43.69 20.37
C HIS A 79 -0.99 -44.58 19.64
N PRO A 80 -1.46 -45.42 18.67
CA PRO A 80 -0.64 -46.46 18.07
C PRO A 80 0.66 -46.02 17.39
N LYS A 81 0.75 -44.79 16.89
CA LYS A 81 1.92 -44.36 16.13
C LYS A 81 2.87 -43.44 16.93
N LYS A 82 2.75 -43.43 18.25
CA LYS A 82 3.60 -42.51 19.06
C LYS A 82 5.11 -42.72 18.86
N GLN A 83 5.55 -43.97 18.92
CA GLN A 83 6.99 -44.17 18.81
C GLN A 83 7.45 -43.91 17.37
N GLN A 84 6.63 -44.28 16.38
CA GLN A 84 6.93 -44.00 14.97
C GLN A 84 7.12 -42.48 14.77
N TYR A 85 6.20 -41.68 15.32
CA TYR A 85 6.24 -40.21 15.14
C TYR A 85 7.41 -39.65 15.94
N THR A 86 7.67 -40.22 17.12
CA THR A 86 8.81 -39.82 17.92
C THR A 86 10.12 -40.07 17.17
N ASP A 87 10.27 -41.26 16.58
CA ASP A 87 11.47 -41.62 15.77
C ASP A 87 11.62 -40.67 14.59
N LEU A 88 10.50 -40.43 13.86
CA LEU A 88 10.51 -39.46 12.74
C LEU A 88 10.95 -38.06 13.22
N LEU A 89 10.39 -37.57 14.32
CA LEU A 89 10.76 -36.25 14.82
C LEU A 89 12.27 -36.19 15.14
N LEU A 90 12.78 -37.20 15.87
CA LEU A 90 14.25 -37.27 16.15
C LEU A 90 15.04 -37.28 14.82
N GLN A 91 14.61 -38.10 13.86
CA GLN A 91 15.30 -38.16 12.57
C GLN A 91 15.35 -36.77 11.90
N ILE A 92 14.27 -35.97 12.00
CA ILE A 92 14.22 -34.68 11.31
C ILE A 92 15.09 -33.67 12.09
N ARG A 93 15.12 -33.76 13.42
CA ARG A 93 15.61 -32.64 14.21
C ARG A 93 16.84 -33.00 15.05
N GLN A 94 17.53 -34.12 14.75
CA GLN A 94 18.67 -34.57 15.59
C GLN A 94 19.87 -33.62 15.39
N LYS A 95 20.28 -33.44 14.13
CA LYS A 95 21.25 -32.42 13.66
C LYS A 95 21.12 -31.12 14.47
N LYS A 96 19.87 -30.68 14.70
CA LYS A 96 19.59 -29.37 15.31
C LYS A 96 19.58 -29.46 16.85
N GLY A 97 19.91 -30.64 17.42
CA GLY A 97 20.14 -30.79 18.87
C GLY A 97 18.89 -31.12 19.67
N LEU A 98 17.95 -31.84 19.03
CA LEU A 98 16.82 -32.39 19.77
C LEU A 98 17.27 -33.70 20.44
N THR A 99 17.11 -33.78 21.76
CA THR A 99 17.39 -34.99 22.51
C THR A 99 16.17 -35.91 22.46
N PRO A 100 16.31 -37.25 22.66
CA PRO A 100 15.16 -38.14 22.73
C PRO A 100 14.20 -37.74 23.86
N GLU A 101 14.78 -37.15 24.89
CA GLU A 101 14.09 -36.71 26.06
C GLU A 101 13.08 -35.61 25.70
N LYS A 102 13.51 -34.71 24.82
CA LYS A 102 12.76 -33.53 24.43
C LYS A 102 11.79 -33.88 23.28
N ALA A 103 12.22 -34.78 22.39
CA ALA A 103 11.36 -35.35 21.36
C ALA A 103 10.10 -35.97 21.99
N ALA A 104 10.27 -36.74 23.07
CA ALA A 104 9.21 -37.39 23.81
C ALA A 104 8.22 -36.36 24.37
N GLU A 105 8.68 -35.16 24.73
CA GLU A 105 7.77 -34.09 25.18
C GLU A 105 7.01 -33.48 23.99
N LEU A 106 7.77 -33.05 22.97
CA LEU A 106 7.23 -32.36 21.78
C LEU A 106 6.15 -33.23 21.10
N VAL A 107 6.37 -34.54 21.02
CA VAL A 107 5.48 -35.41 20.27
C VAL A 107 4.09 -35.43 20.94
N GLU A 108 4.04 -35.08 22.24
CA GLU A 108 2.79 -34.98 22.95
C GLU A 108 2.11 -33.61 22.79
N ASN A 109 2.80 -32.62 22.19
CA ASN A 109 2.23 -31.30 21.93
C ASN A 109 1.36 -31.41 20.67
N PRO A 110 0.03 -31.13 20.75
CA PRO A 110 -0.87 -31.32 19.61
C PRO A 110 -0.42 -30.71 18.26
N LEU A 111 0.25 -29.55 18.29
CA LEU A 111 0.68 -28.88 17.05
C LEU A 111 1.84 -29.65 16.41
N TYR A 112 2.78 -30.14 17.22
CA TYR A 112 3.86 -30.98 16.72
C TYR A 112 3.29 -32.33 16.21
N LEU A 113 2.42 -32.96 17.02
CA LEU A 113 1.85 -34.26 16.64
C LEU A 113 1.10 -34.10 15.31
N GLY A 114 0.33 -33.01 15.17
CA GLY A 114 -0.44 -32.75 13.96
C GLY A 114 0.46 -32.69 12.74
N CYS A 115 1.58 -32.01 12.89
CA CYS A 115 2.53 -31.85 11.79
C CYS A 115 3.20 -33.18 11.44
N LEU A 116 3.45 -34.02 12.45
CA LEU A 116 4.06 -35.33 12.22
C LEU A 116 3.06 -36.26 11.50
N ILE A 117 1.77 -36.13 11.82
CA ILE A 117 0.72 -36.91 11.16
C ILE A 117 0.75 -36.58 9.64
N VAL A 118 0.75 -35.30 9.30
CA VAL A 118 0.84 -34.85 7.91
C VAL A 118 2.15 -35.34 7.28
N LYS A 119 3.27 -35.06 7.95
CA LYS A 119 4.59 -35.38 7.40
C LYS A 119 4.71 -36.89 7.08
N SER A 120 4.13 -37.73 7.93
CA SER A 120 4.17 -39.20 7.77
C SER A 120 3.27 -39.69 6.64
N GLY A 121 2.39 -38.83 6.10
CA GLY A 121 1.44 -39.20 5.07
C GLY A 121 0.14 -39.74 5.64
N ASP A 122 -0.10 -39.55 6.95
CA ASP A 122 -1.34 -39.99 7.60
C ASP A 122 -2.41 -38.87 7.59
N ALA A 123 -2.06 -37.72 7.02
CA ALA A 123 -3.03 -36.69 6.73
C ALA A 123 -2.47 -35.82 5.60
N ASP A 124 -3.29 -34.91 5.09
CA ASP A 124 -2.99 -34.18 3.88
C ASP A 124 -2.74 -32.70 4.16
N GLY A 125 -3.20 -32.22 5.32
CA GLY A 125 -3.09 -30.81 5.71
C GLY A 125 -3.47 -30.62 7.15
N LEU A 126 -3.18 -29.43 7.68
CA LEU A 126 -3.49 -29.12 9.10
C LEU A 126 -4.00 -27.68 9.20
N ILE A 127 -4.94 -27.44 10.10
CA ILE A 127 -5.42 -26.09 10.44
C ILE A 127 -5.33 -25.90 11.96
N ALA A 128 -4.73 -24.79 12.39
CA ALA A 128 -4.80 -24.43 13.79
C ALA A 128 -4.78 -22.91 13.92
N GLY A 129 -4.69 -22.42 15.14
CA GLY A 129 -4.51 -20.98 15.44
C GLY A 129 -5.76 -20.30 16.04
N ALA A 130 -6.83 -21.06 16.28
CA ALA A 130 -8.02 -20.47 16.92
C ALA A 130 -7.68 -20.23 18.38
N GLN A 131 -6.82 -21.07 18.94
CA GLN A 131 -6.42 -20.90 20.30
C GLN A 131 -4.91 -20.93 20.46
N ASN A 132 -4.14 -20.76 19.37
CA ASN A 132 -2.71 -20.67 19.44
C ASN A 132 -2.24 -19.45 18.64
N THR A 133 -1.06 -18.94 19.02
CA THR A 133 -0.43 -17.84 18.30
C THR A 133 0.07 -18.34 16.94
N THR A 134 0.15 -17.42 15.99
CA THR A 134 0.68 -17.70 14.67
C THR A 134 2.03 -18.41 14.81
N GLY A 135 2.92 -17.82 15.58
CA GLY A 135 4.26 -18.39 15.76
C GLY A 135 4.22 -19.81 16.31
N ASP A 136 3.35 -20.11 17.26
CA ASP A 136 3.30 -21.50 17.79
C ASP A 136 2.76 -22.49 16.74
N VAL A 137 1.97 -22.00 15.78
CA VAL A 137 1.49 -22.86 14.65
C VAL A 137 2.62 -23.04 13.63
N LEU A 138 3.27 -21.93 13.23
CA LEU A 138 4.24 -21.96 12.13
C LEU A 138 5.50 -22.74 12.50
N ARG A 139 5.93 -22.63 13.76
CA ARG A 139 7.27 -23.15 14.14
C ARG A 139 7.33 -24.65 13.90
N PRO A 140 6.44 -25.47 14.50
CA PRO A 140 6.46 -26.92 14.22
C PRO A 140 6.29 -27.24 12.74
N ALA A 141 5.50 -26.44 12.01
CA ALA A 141 5.24 -26.66 10.59
C ALA A 141 6.53 -26.48 9.79
N LEU A 142 7.31 -25.47 10.14
CA LEU A 142 8.56 -25.20 9.43
C LEU A 142 9.63 -26.21 9.88
N GLN A 143 9.59 -26.66 11.14
CA GLN A 143 10.60 -27.60 11.65
C GLN A 143 10.36 -29.02 11.10
N VAL A 144 9.10 -29.43 10.95
CA VAL A 144 8.69 -30.84 10.68
C VAL A 144 8.26 -31.01 9.22
N ILE A 145 7.29 -30.21 8.77
CA ILE A 145 6.79 -30.41 7.43
C ILE A 145 7.76 -29.77 6.43
N LYS A 146 8.26 -28.57 6.73
CA LYS A 146 9.26 -27.84 5.89
C LYS A 146 8.64 -27.38 4.57
N THR A 147 9.49 -26.85 3.68
CA THR A 147 9.07 -26.17 2.46
C THR A 147 9.06 -27.15 1.30
N ALA A 148 8.32 -26.79 0.25
CA ALA A 148 8.11 -27.60 -0.91
C ALA A 148 9.40 -27.73 -1.72
N PRO A 149 9.48 -28.73 -2.64
CA PRO A 149 10.59 -28.85 -3.57
C PRO A 149 10.89 -27.53 -4.32
N GLY A 150 12.12 -27.04 -4.17
CA GLY A 150 12.61 -25.89 -4.92
C GLY A 150 12.28 -24.55 -4.26
N MET A 151 11.98 -24.58 -2.95
N MET A 151 11.98 -24.58 -2.95
CA MET A 151 11.57 -23.40 -2.20
CA MET A 151 11.57 -23.40 -2.20
C MET A 151 12.17 -23.47 -0.79
C MET A 151 12.17 -23.46 -0.80
N THR A 152 12.60 -22.31 -0.28
CA THR A 152 13.15 -22.18 1.06
C THR A 152 12.35 -21.18 1.92
N SER A 153 11.35 -20.54 1.33
CA SER A 153 10.62 -19.50 2.04
C SER A 153 9.11 -19.75 1.91
N VAL A 154 8.43 -19.49 3.02
CA VAL A 154 7.00 -19.59 3.13
C VAL A 154 6.49 -18.16 3.31
N SER A 155 5.38 -17.86 2.64
CA SER A 155 4.82 -16.56 2.57
C SER A 155 3.30 -16.64 2.77
N GLY A 156 2.66 -15.48 2.96
CA GLY A 156 1.23 -15.42 3.12
C GLY A 156 0.57 -14.60 2.01
N THR A 157 -0.49 -15.15 1.42
CA THR A 157 -1.28 -14.50 0.36
C THR A 157 -2.72 -14.28 0.86
N PHE A 158 -3.34 -13.23 0.35
CA PHE A 158 -4.75 -12.97 0.53
C PHE A 158 -5.45 -13.09 -0.83
N LEU A 159 -6.60 -13.76 -0.85
CA LEU A 159 -7.57 -13.55 -1.95
C LEU A 159 -8.18 -12.18 -1.72
N LEU A 160 -8.02 -11.27 -2.67
CA LEU A 160 -8.60 -9.97 -2.50
C LEU A 160 -9.75 -9.78 -3.48
N PHE A 161 -10.99 -9.86 -2.99
CA PHE A 161 -12.18 -9.76 -3.85
C PHE A 161 -12.64 -8.30 -3.90
N THR A 162 -12.34 -7.59 -4.99
CA THR A 162 -12.59 -6.16 -4.99
C THR A 162 -13.91 -5.89 -5.71
N LYS A 163 -14.39 -4.65 -5.55
CA LYS A 163 -15.59 -4.20 -6.26
C LYS A 163 -15.23 -3.71 -7.66
N ALA A 164 -13.95 -3.72 -8.05
CA ALA A 164 -13.55 -3.21 -9.38
C ALA A 164 -13.42 -4.38 -10.37
N LYS A 165 -14.57 -4.82 -10.89
CA LYS A 165 -14.69 -6.05 -11.66
C LYS A 165 -13.92 -5.96 -12.99
N GLU A 166 -13.55 -4.76 -13.43
CA GLU A 166 -12.73 -4.60 -14.64
C GLU A 166 -11.25 -4.97 -14.39
N TYR A 167 -10.84 -5.26 -13.14
CA TYR A 167 -9.46 -5.68 -12.86
C TYR A 167 -9.42 -7.14 -12.39
N GLY A 168 -8.24 -7.75 -12.51
CA GLY A 168 -8.01 -9.08 -12.01
C GLY A 168 -8.93 -10.07 -12.70
N LYS A 169 -9.35 -11.11 -11.98
CA LYS A 169 -10.38 -12.00 -12.47
C LYS A 169 -11.73 -11.57 -11.88
N ASP A 170 -12.48 -10.73 -12.61
CA ASP A 170 -13.80 -10.25 -12.17
C ASP A 170 -13.63 -9.66 -10.75
N GLY A 171 -12.57 -8.85 -10.58
CA GLY A 171 -12.35 -8.08 -9.36
C GLY A 171 -11.43 -8.77 -8.36
N LEU A 172 -11.13 -10.07 -8.57
CA LEU A 172 -10.25 -10.86 -7.70
C LEU A 172 -8.79 -10.71 -8.09
N LEU A 173 -7.94 -10.37 -7.11
CA LEU A 173 -6.49 -10.50 -7.26
C LEU A 173 -5.94 -11.27 -6.07
N LEU A 174 -4.88 -12.07 -6.27
CA LEU A 174 -4.08 -12.56 -5.16
C LEU A 174 -2.95 -11.58 -4.84
N VAL A 175 -2.67 -11.35 -3.55
CA VAL A 175 -1.63 -10.39 -3.14
C VAL A 175 -0.74 -11.08 -2.10
N ALA A 176 0.55 -10.80 -2.13
CA ALA A 176 1.57 -11.44 -1.28
C ALA A 176 2.83 -10.60 -1.30
N ASP A 177 3.72 -10.76 -0.32
CA ASP A 177 3.51 -11.45 0.95
C ASP A 177 3.00 -10.43 1.97
N CYS A 178 1.82 -10.70 2.51
CA CYS A 178 1.07 -9.72 3.31
C CYS A 178 1.05 -10.07 4.79
N ALA A 179 1.78 -11.13 5.18
CA ALA A 179 1.74 -11.60 6.58
C ALA A 179 3.10 -12.11 7.12
N VAL A 180 4.01 -12.63 6.30
CA VAL A 180 5.12 -13.41 6.89
C VAL A 180 6.46 -12.64 6.89
N ILE A 181 7.08 -12.46 5.72
CA ILE A 181 8.51 -12.03 5.64
C ILE A 181 8.56 -10.50 5.63
N PRO A 182 9.16 -9.85 6.65
CA PRO A 182 9.21 -8.39 6.71
C PRO A 182 9.88 -7.77 5.47
N ASN A 183 11.05 -8.29 5.10
CA ASN A 183 11.86 -7.63 4.09
C ASN A 183 12.53 -8.70 3.22
N PRO A 184 11.78 -9.30 2.27
CA PRO A 184 12.33 -10.34 1.43
C PRO A 184 13.55 -9.82 0.67
N THR A 185 14.59 -10.65 0.58
CA THR A 185 15.64 -10.51 -0.43
C THR A 185 15.05 -10.71 -1.83
N ALA A 186 15.89 -10.50 -2.84
CA ALA A 186 15.51 -10.70 -4.22
C ALA A 186 15.10 -12.16 -4.43
N ASP A 187 15.86 -13.09 -3.83
CA ASP A 187 15.57 -14.52 -3.98
C ASP A 187 14.21 -14.87 -3.32
N GLU A 188 13.99 -14.35 -2.12
CA GLU A 188 12.71 -14.59 -1.40
C GLU A 188 11.53 -14.04 -2.20
N LEU A 189 11.69 -12.83 -2.74
CA LEU A 189 10.65 -12.16 -3.50
C LEU A 189 10.31 -12.98 -4.75
N ALA A 190 11.31 -13.60 -5.40
CA ALA A 190 11.08 -14.43 -6.58
C ALA A 190 10.28 -15.67 -6.20
N GLN A 191 10.59 -16.25 -5.05
CA GLN A 191 9.90 -17.45 -4.57
C GLN A 191 8.46 -17.10 -4.18
N ILE A 192 8.26 -15.94 -3.57
CA ILE A 192 6.90 -15.43 -3.31
C ILE A 192 6.15 -15.33 -4.64
N ALA A 193 6.79 -14.78 -5.68
CA ALA A 193 6.12 -14.59 -6.95
C ALA A 193 5.69 -15.93 -7.53
N VAL A 194 6.52 -16.96 -7.51
CA VAL A 194 6.20 -18.26 -8.12
C VAL A 194 5.14 -18.96 -7.26
N ALA A 195 5.33 -18.94 -5.94
CA ALA A 195 4.37 -19.57 -4.99
C ALA A 195 2.95 -18.97 -5.15
N THR A 196 2.87 -17.65 -5.20
CA THR A 196 1.55 -17.02 -5.27
C THR A 196 0.84 -17.33 -6.62
N ALA A 197 1.61 -17.36 -7.71
CA ALA A 197 1.07 -17.69 -9.03
C ALA A 197 0.49 -19.11 -9.00
N ARG A 198 1.22 -20.05 -8.37
CA ARG A 198 0.76 -21.45 -8.32
C ARG A 198 -0.45 -21.59 -7.37
N THR A 199 -0.49 -20.81 -6.28
CA THR A 199 -1.67 -20.75 -5.43
C THR A 199 -2.85 -20.22 -6.25
N ALA A 200 -2.61 -19.18 -7.06
CA ALA A 200 -3.65 -18.56 -7.85
C ALA A 200 -4.31 -19.61 -8.76
N LYS A 201 -3.46 -20.38 -9.46
CA LYS A 201 -3.88 -21.50 -10.32
C LYS A 201 -4.70 -22.52 -9.55
N ALA A 202 -4.19 -22.95 -8.39
CA ALA A 202 -4.71 -24.09 -7.66
C ALA A 202 -6.01 -23.77 -6.91
N ILE A 203 -6.11 -22.57 -6.35
CA ILE A 203 -7.20 -22.21 -5.48
C ILE A 203 -8.27 -21.46 -6.29
N ALA A 204 -7.84 -20.51 -7.13
CA ALA A 204 -8.74 -19.50 -7.64
C ALA A 204 -9.01 -19.73 -9.13
N ASP A 205 -8.41 -20.75 -9.72
CA ASP A 205 -8.60 -21.07 -11.16
C ASP A 205 -8.32 -19.82 -12.01
N ILE A 206 -7.20 -19.17 -11.68
CA ILE A 206 -6.73 -17.99 -12.33
C ILE A 206 -5.59 -18.42 -13.26
N GLU A 207 -5.54 -17.83 -14.46
CA GLU A 207 -4.35 -17.90 -15.31
C GLU A 207 -3.42 -16.78 -14.82
N PRO A 208 -2.36 -17.06 -14.06
CA PRO A 208 -1.64 -16.01 -13.33
C PRO A 208 -0.85 -15.10 -14.27
N ARG A 209 -1.04 -13.80 -14.07
CA ARG A 209 -0.18 -12.79 -14.57
C ARG A 209 0.32 -11.98 -13.37
N VAL A 210 1.62 -12.10 -13.09
CA VAL A 210 2.18 -11.64 -11.83
C VAL A 210 2.94 -10.32 -12.04
N ALA A 211 2.51 -9.28 -11.34
CA ALA A 211 3.16 -7.96 -11.34
C ALA A 211 4.02 -7.82 -10.07
N MET A 212 5.34 -7.63 -10.29
CA MET A 212 6.27 -7.31 -9.26
C MET A 212 6.28 -5.80 -9.05
N LEU A 213 5.65 -5.34 -7.95
CA LEU A 213 5.35 -3.91 -7.78
C LEU A 213 6.55 -3.16 -7.18
N SER A 214 6.62 -1.88 -7.52
CA SER A 214 7.59 -0.92 -7.04
C SER A 214 7.00 0.49 -7.24
N PHE A 215 7.79 1.52 -6.92
CA PHE A 215 7.41 2.88 -7.24
C PHE A 215 7.92 3.28 -8.61
N SER A 216 8.64 2.37 -9.27
CA SER A 216 9.21 2.53 -10.61
C SER A 216 8.48 1.59 -11.57
N THR A 217 8.42 1.96 -12.86
CA THR A 217 7.99 1.06 -13.91
C THR A 217 9.08 0.99 -15.00
N LYS A 218 9.62 -0.23 -15.21
CA LYS A 218 10.63 -0.53 -16.24
C LYS A 218 11.71 0.57 -16.31
N GLY A 219 12.31 0.89 -15.17
CA GLY A 219 13.42 1.85 -15.06
C GLY A 219 13.04 3.32 -15.00
N SER A 220 11.77 3.66 -14.77
CA SER A 220 11.33 5.06 -14.72
C SER A 220 11.95 5.79 -13.51
N ALA A 221 12.15 5.08 -12.40
CA ALA A 221 12.64 5.68 -11.14
C ALA A 221 13.65 4.73 -10.51
N LYS A 222 14.85 4.69 -11.09
CA LYS A 222 15.91 3.78 -10.64
C LYS A 222 16.37 4.20 -9.24
N HIS A 223 16.65 3.20 -8.42
CA HIS A 223 16.95 3.37 -7.00
C HIS A 223 17.33 2.01 -6.43
N GLU A 224 18.07 2.05 -5.33
CA GLU A 224 18.45 0.91 -4.55
C GLU A 224 17.25 -0.04 -4.34
N MET A 225 16.10 0.50 -3.93
CA MET A 225 14.91 -0.33 -3.56
C MET A 225 14.32 -1.00 -4.81
N THR A 226 14.41 -0.35 -5.98
CA THR A 226 13.90 -0.92 -7.25
C THR A 226 14.76 -2.10 -7.72
N ASP A 227 16.06 -2.05 -7.40
CA ASP A 227 17.04 -3.08 -7.85
C ASP A 227 16.63 -4.48 -7.41
N LYS A 228 16.12 -4.59 -6.19
CA LYS A 228 15.69 -5.85 -5.62
C LYS A 228 14.51 -6.45 -6.40
N VAL A 229 13.61 -5.59 -6.86
CA VAL A 229 12.39 -6.03 -7.57
C VAL A 229 12.80 -6.44 -9.00
N VAL A 230 13.78 -5.75 -9.57
CA VAL A 230 14.31 -6.07 -10.92
C VAL A 230 14.94 -7.46 -10.87
N GLU A 231 15.80 -7.68 -9.86
CA GLU A 231 16.51 -8.95 -9.69
C GLU A 231 15.50 -10.07 -9.41
N ALA A 232 14.53 -9.79 -8.52
CA ALA A 232 13.48 -10.74 -8.19
C ALA A 232 12.72 -11.16 -9.45
N THR A 233 12.37 -10.19 -10.30
CA THR A 233 11.63 -10.45 -11.53
C THR A 233 12.42 -11.45 -12.40
N ARG A 234 13.69 -11.11 -12.64
CA ARG A 234 14.60 -11.95 -13.46
C ARG A 234 14.68 -13.37 -12.87
N MET A 235 14.93 -13.49 -11.57
CA MET A 235 15.09 -14.77 -10.94
C MET A 235 13.78 -15.57 -10.98
N ALA A 236 12.62 -14.89 -10.89
CA ALA A 236 11.32 -15.58 -10.91
C ALA A 236 11.07 -16.16 -12.30
N GLN A 237 11.37 -15.37 -13.32
CA GLN A 237 11.17 -15.74 -14.71
C GLN A 237 12.02 -16.97 -15.04
N GLU A 238 13.24 -17.00 -14.52
CA GLU A 238 14.19 -18.12 -14.68
C GLU A 238 13.66 -19.36 -13.95
N MET A 239 13.14 -19.20 -12.73
CA MET A 239 12.68 -20.33 -11.94
C MET A 239 11.41 -20.93 -12.57
N ALA A 240 10.63 -20.14 -13.30
CA ALA A 240 9.34 -20.57 -13.78
C ALA A 240 9.02 -20.00 -15.16
N PRO A 241 9.60 -20.55 -16.26
CA PRO A 241 9.32 -20.07 -17.60
C PRO A 241 7.88 -20.35 -18.08
N ASP A 242 7.15 -21.20 -17.37
CA ASP A 242 5.76 -21.52 -17.70
C ASP A 242 4.79 -20.41 -17.24
N LEU A 243 5.24 -19.52 -16.35
CA LEU A 243 4.40 -18.49 -15.70
C LEU A 243 4.72 -17.12 -16.30
N LEU A 244 3.69 -16.28 -16.41
CA LEU A 244 3.84 -14.91 -16.80
C LEU A 244 4.10 -14.04 -15.56
N ILE A 245 5.33 -13.52 -15.46
CA ILE A 245 5.77 -12.68 -14.35
C ILE A 245 6.53 -11.51 -14.97
N ASP A 246 6.21 -10.27 -14.60
CA ASP A 246 6.94 -9.13 -15.10
C ASP A 246 7.09 -8.10 -14.00
N GLY A 247 7.98 -7.14 -14.24
CA GLY A 247 8.36 -6.15 -13.25
C GLY A 247 9.66 -5.48 -13.65
N GLU A 248 10.08 -4.44 -12.92
CA GLU A 248 9.30 -3.82 -11.86
C GLU A 248 8.21 -2.96 -12.50
N MET A 249 7.08 -2.82 -11.83
CA MET A 249 6.05 -1.90 -12.33
C MET A 249 5.21 -1.31 -11.17
N GLN A 250 4.66 -0.12 -11.42
CA GLN A 250 3.78 0.54 -10.49
C GLN A 250 2.42 -0.13 -10.53
N ALA A 251 1.59 0.14 -9.50
CA ALA A 251 0.31 -0.52 -9.39
C ALA A 251 -0.61 -0.11 -10.55
N ASP A 252 -0.51 1.14 -11.02
CA ASP A 252 -1.33 1.59 -12.14
C ASP A 252 -0.95 0.87 -13.45
N ALA A 253 0.35 0.72 -13.72
CA ALA A 253 0.83 -0.04 -14.87
C ALA A 253 0.41 -1.50 -14.76
N ALA A 254 0.37 -2.06 -13.54
CA ALA A 254 -0.03 -3.46 -13.36
C ALA A 254 -1.49 -3.66 -13.82
N LEU A 255 -2.35 -2.69 -13.50
CA LEU A 255 -3.79 -2.85 -13.57
C LEU A 255 -4.44 -2.16 -14.78
N VAL A 256 -3.81 -1.12 -15.35
CA VAL A 256 -4.53 -0.26 -16.28
C VAL A 256 -3.91 -0.37 -17.67
N GLU A 257 -4.70 -0.81 -18.66
CA GLU A 257 -4.20 -1.06 -20.04
C GLU A 257 -3.58 0.21 -20.63
N ARG A 258 -4.22 1.36 -20.44
CA ARG A 258 -3.77 2.60 -21.06
C ARG A 258 -2.39 3.00 -20.48
N VAL A 259 -2.19 2.73 -19.19
CA VAL A 259 -0.95 3.05 -18.54
C VAL A 259 0.11 2.03 -18.95
N ALA A 260 -0.27 0.75 -18.99
CA ALA A 260 0.62 -0.33 -19.43
C ALA A 260 1.19 -0.01 -20.83
N ALA A 261 0.32 0.44 -21.75
CA ALA A 261 0.72 0.78 -23.14
C ALA A 261 1.82 1.85 -23.15
N LEU A 262 1.73 2.81 -22.22
CA LEU A 262 2.67 3.94 -22.15
C LEU A 262 3.94 3.52 -21.39
N LYS A 263 3.82 2.85 -20.24
CA LYS A 263 5.00 2.72 -19.35
C LYS A 263 5.66 1.34 -19.47
N ALA A 264 4.92 0.32 -19.93
CA ALA A 264 5.42 -1.02 -20.02
C ALA A 264 4.92 -1.64 -21.32
N PRO A 265 5.29 -1.06 -22.48
CA PRO A 265 4.86 -1.62 -23.77
C PRO A 265 5.48 -3.03 -23.96
N GLY A 266 4.77 -3.94 -24.58
CA GLY A 266 5.36 -5.30 -24.67
C GLY A 266 5.69 -6.02 -23.35
N SER A 267 5.05 -5.62 -22.24
CA SER A 267 4.84 -6.56 -21.14
C SER A 267 3.68 -7.48 -21.53
N ASN A 268 3.73 -8.77 -21.17
CA ASN A 268 2.55 -9.64 -21.28
C ASN A 268 1.78 -9.71 -19.95
N VAL A 269 2.23 -8.94 -18.96
CA VAL A 269 1.52 -8.83 -17.66
C VAL A 269 0.84 -7.46 -17.53
N ALA A 270 1.59 -6.38 -17.75
CA ALA A 270 1.13 -5.04 -17.46
C ALA A 270 -0.23 -4.79 -18.12
N GLY A 271 -1.10 -4.10 -17.37
CA GLY A 271 -2.47 -3.86 -17.75
C GLY A 271 -3.43 -5.03 -17.56
N LYS A 272 -2.92 -6.21 -17.20
CA LYS A 272 -3.71 -7.45 -17.12
C LYS A 272 -3.39 -8.25 -15.85
N ALA A 273 -2.73 -7.64 -14.84
CA ALA A 273 -2.22 -8.41 -13.70
C ALA A 273 -3.39 -8.94 -12.86
N ASN A 274 -3.21 -10.12 -12.28
CA ASN A 274 -4.19 -10.65 -11.36
C ASN A 274 -3.50 -11.19 -10.12
N VAL A 275 -2.18 -11.07 -10.05
CA VAL A 275 -1.38 -11.37 -8.88
C VAL A 275 -0.45 -10.19 -8.64
N LEU A 276 -0.44 -9.66 -7.41
CA LEU A 276 0.44 -8.55 -7.07
C LEU A 276 1.44 -9.00 -6.02
N VAL A 277 2.74 -8.81 -6.32
CA VAL A 277 3.78 -9.07 -5.39
C VAL A 277 4.37 -7.74 -4.88
N PHE A 278 4.30 -7.56 -3.56
CA PHE A 278 4.72 -6.37 -2.87
C PHE A 278 6.16 -6.54 -2.45
N PRO A 279 6.99 -5.46 -2.47
CA PRO A 279 8.41 -5.58 -2.15
C PRO A 279 8.73 -5.79 -0.66
N THR A 280 7.83 -5.37 0.24
CA THR A 280 8.02 -5.59 1.67
C THR A 280 6.67 -5.85 2.35
N LEU A 281 6.74 -6.32 3.61
CA LEU A 281 5.55 -6.52 4.45
C LEU A 281 4.87 -5.19 4.82
N GLU A 282 5.65 -4.11 4.96
CA GLU A 282 5.10 -2.79 5.16
C GLU A 282 4.12 -2.52 4.03
N VAL A 283 4.57 -2.72 2.79
CA VAL A 283 3.75 -2.42 1.65
C VAL A 283 2.51 -3.32 1.70
N GLY A 284 2.71 -4.62 1.83
CA GLY A 284 1.60 -5.59 1.71
C GLY A 284 0.57 -5.43 2.81
N ASN A 285 1.04 -5.35 4.07
CA ASN A 285 0.16 -5.23 5.24
C ASN A 285 -0.70 -3.96 5.14
N ILE A 286 -0.10 -2.83 4.76
CA ILE A 286 -0.81 -1.58 4.65
C ILE A 286 -1.73 -1.59 3.44
N ALA A 287 -1.24 -2.03 2.28
CA ALA A 287 -1.96 -1.87 1.03
C ALA A 287 -3.25 -2.72 1.05
N TYR A 288 -3.14 -3.98 1.47
CA TYR A 288 -4.33 -4.86 1.39
C TYR A 288 -5.41 -4.35 2.38
N LYS A 289 -5.01 -3.85 3.55
CA LYS A 289 -5.97 -3.36 4.57
C LYS A 289 -6.67 -2.07 4.09
N LEU A 290 -5.94 -1.17 3.41
CA LEU A 290 -6.54 0.05 2.85
C LEU A 290 -7.54 -0.27 1.74
N VAL A 291 -7.18 -1.23 0.88
CA VAL A 291 -8.09 -1.66 -0.19
C VAL A 291 -9.32 -2.31 0.45
N GLU A 292 -9.10 -3.10 1.52
CA GLU A 292 -10.18 -3.77 2.18
C GLU A 292 -11.14 -2.73 2.77
N ARG A 293 -10.63 -1.75 3.52
CA ARG A 293 -11.47 -0.83 4.28
C ARG A 293 -11.99 0.27 3.34
N LEU A 294 -11.08 0.98 2.69
CA LEU A 294 -11.43 2.14 1.86
C LEU A 294 -12.07 1.75 0.53
N GLY A 295 -11.80 0.54 0.05
CA GLY A 295 -12.37 0.07 -1.19
C GLY A 295 -13.57 -0.86 -1.04
N HIS A 296 -13.92 -1.23 0.20
CA HIS A 296 -14.95 -2.22 0.53
C HIS A 296 -14.65 -3.59 -0.10
N ALA A 297 -13.37 -3.96 -0.23
CA ALA A 297 -12.99 -5.26 -0.74
C ALA A 297 -13.10 -6.30 0.39
N GLU A 298 -13.29 -7.56 -0.01
CA GLU A 298 -13.27 -8.67 0.90
C GLU A 298 -11.91 -9.37 0.79
N ALA A 299 -11.23 -9.57 1.92
CA ALA A 299 -9.93 -10.21 1.95
C ALA A 299 -10.07 -11.57 2.63
N VAL A 300 -9.60 -12.63 2.00
CA VAL A 300 -9.62 -13.97 2.60
C VAL A 300 -8.18 -14.44 2.79
N GLY A 301 -7.86 -14.77 4.05
CA GLY A 301 -6.52 -15.20 4.40
C GLY A 301 -6.10 -14.66 5.77
N PRO A 302 -4.79 -14.66 6.06
CA PRO A 302 -3.78 -15.13 5.13
C PRO A 302 -3.86 -16.64 4.81
N ILE A 303 -3.44 -16.98 3.60
CA ILE A 303 -3.21 -18.34 3.18
C ILE A 303 -1.70 -18.56 3.07
N LEU A 304 -1.17 -19.51 3.84
CA LEU A 304 0.25 -19.84 3.79
C LEU A 304 0.57 -20.68 2.56
N GLN A 305 1.71 -20.38 1.96
CA GLN A 305 2.14 -21.01 0.73
C GLN A 305 3.64 -21.28 0.82
N GLY A 306 4.07 -22.30 0.08
CA GLY A 306 5.46 -22.72 0.00
C GLY A 306 5.75 -23.96 0.86
N MET A 307 4.75 -24.48 1.61
CA MET A 307 4.94 -25.65 2.50
C MET A 307 4.90 -26.93 1.67
N ALA A 308 5.63 -27.98 2.09
CA ALA A 308 5.60 -29.28 1.38
C ALA A 308 4.23 -29.93 1.48
N ALA A 309 3.51 -29.67 2.59
CA ALA A 309 2.07 -30.01 2.71
C ALA A 309 1.40 -28.86 3.46
N PRO A 310 0.12 -28.54 3.15
CA PRO A 310 -0.44 -27.25 3.58
C PRO A 310 -0.78 -27.20 5.08
N VAL A 311 -0.28 -26.16 5.74
CA VAL A 311 -0.65 -25.76 7.10
C VAL A 311 -1.24 -24.35 6.98
N ASN A 312 -2.41 -24.13 7.58
CA ASN A 312 -2.94 -22.79 7.67
C ASN A 312 -3.22 -22.39 9.14
N ASP A 313 -3.13 -21.08 9.37
CA ASP A 313 -3.25 -20.45 10.63
C ASP A 313 -4.49 -19.54 10.64
N LEU A 314 -5.41 -19.86 11.55
CA LEU A 314 -6.60 -19.08 11.80
C LEU A 314 -6.26 -17.91 12.73
N SER A 315 -7.10 -16.87 12.72
CA SER A 315 -7.05 -15.82 13.73
C SER A 315 -7.82 -16.28 14.98
N ARG A 316 -7.56 -15.60 16.10
CA ARG A 316 -8.13 -15.98 17.38
C ARG A 316 -9.59 -15.54 17.44
N GLY A 317 -9.98 -14.56 16.61
CA GLY A 317 -11.35 -14.11 16.49
C GLY A 317 -12.13 -14.70 15.31
N CYS A 318 -11.61 -15.75 14.66
CA CYS A 318 -12.23 -16.29 13.42
C CYS A 318 -13.58 -16.96 13.71
N SER A 319 -14.54 -16.76 12.81
CA SER A 319 -15.85 -17.35 12.90
C SER A 319 -15.79 -18.83 12.51
N VAL A 320 -16.83 -19.58 12.91
CA VAL A 320 -17.05 -20.95 12.44
C VAL A 320 -16.99 -21.00 10.91
N GLU A 321 -17.70 -20.08 10.21
CA GLU A 321 -17.74 -20.08 8.74
C GLU A 321 -16.34 -19.83 8.13
N ASP A 322 -15.50 -19.00 8.78
CA ASP A 322 -14.14 -18.73 8.34
C ASP A 322 -13.26 -19.97 8.52
N ILE A 323 -13.46 -20.71 9.62
CA ILE A 323 -12.71 -21.97 9.81
C ILE A 323 -13.11 -22.97 8.70
N TYR A 324 -14.41 -23.16 8.50
CA TYR A 324 -14.93 -24.01 7.44
C TYR A 324 -14.26 -23.65 6.11
N ARG A 325 -14.23 -22.35 5.79
CA ARG A 325 -13.67 -21.86 4.55
C ARG A 325 -12.18 -22.19 4.45
N MET A 326 -11.41 -21.96 5.53
CA MET A 326 -9.97 -22.17 5.49
C MET A 326 -9.65 -23.66 5.38
N VAL A 327 -10.47 -24.52 5.98
CA VAL A 327 -10.24 -25.95 5.84
C VAL A 327 -10.45 -26.35 4.37
N ALA A 328 -11.49 -25.82 3.72
CA ALA A 328 -11.76 -26.09 2.30
C ALA A 328 -10.58 -25.64 1.42
N ILE A 329 -10.00 -24.46 1.73
CA ILE A 329 -8.83 -23.93 1.01
C ILE A 329 -7.65 -24.88 1.20
N THR A 330 -7.45 -25.32 2.45
CA THR A 330 -6.31 -26.16 2.76
C THR A 330 -6.42 -27.47 1.99
N ALA A 331 -7.63 -28.04 1.91
CA ALA A 331 -7.86 -29.30 1.15
C ALA A 331 -7.55 -29.08 -0.33
N ASN A 332 -7.86 -27.89 -0.86
CA ASN A 332 -7.54 -27.59 -2.26
C ASN A 332 -6.02 -27.46 -2.45
N GLN A 333 -5.32 -26.94 -1.44
CA GLN A 333 -3.88 -26.86 -1.53
C GLN A 333 -3.28 -28.26 -1.53
N ALA A 334 -3.87 -29.16 -0.74
CA ALA A 334 -3.37 -30.54 -0.69
C ALA A 334 -3.58 -31.21 -2.05
N ILE A 335 -4.74 -30.99 -2.66
CA ILE A 335 -5.05 -31.58 -3.99
C ILE A 335 -4.00 -31.13 -5.02
N ALA A 336 -3.60 -29.85 -4.96
CA ALA A 336 -2.57 -29.25 -5.83
C ALA A 336 -1.19 -29.85 -5.56
N ALA A 337 -0.84 -30.04 -4.28
CA ALA A 337 0.45 -30.56 -3.87
C ALA A 337 0.66 -32.02 -4.31
N LYS A 338 -0.41 -32.81 -4.38
CA LYS A 338 -0.28 -34.22 -4.70
C LYS A 338 -0.15 -34.37 -6.22
N GLU A 339 -0.83 -33.49 -6.94
CA GLU A 339 -0.68 -33.25 -8.39
C GLU A 339 0.49 -32.30 -8.63
N PRO B 2 -16.76 13.43 -9.12
CA PRO B 2 -17.86 13.89 -8.24
C PRO B 2 -17.56 13.70 -6.75
N LEU B 3 -16.76 12.68 -6.39
CA LEU B 3 -16.21 12.59 -5.05
C LEU B 3 -15.33 13.84 -4.90
N GLY B 4 -15.43 14.55 -3.81
CA GLY B 4 -14.52 15.74 -3.64
C GLY B 4 -14.80 16.96 -4.52
N SER B 5 -15.84 16.96 -5.38
CA SER B 5 -16.29 18.25 -6.01
C SER B 5 -16.81 19.23 -4.94
N ASP B 6 -17.48 18.77 -3.87
CA ASP B 6 -17.86 19.68 -2.75
C ASP B 6 -16.63 20.34 -2.11
N LEU B 7 -15.60 19.56 -1.79
CA LEU B 7 -14.42 20.14 -1.13
C LEU B 7 -13.70 21.11 -2.09
N ILE B 8 -13.57 20.73 -3.35
CA ILE B 8 -12.87 21.55 -4.32
C ILE B 8 -13.65 22.87 -4.49
N GLN B 9 -14.99 22.80 -4.45
CA GLN B 9 -15.82 24.01 -4.49
C GLN B 9 -15.49 24.91 -3.29
N ASP B 10 -15.29 24.34 -2.10
CA ASP B 10 -14.88 25.16 -0.93
C ASP B 10 -13.49 25.80 -1.14
N VAL B 11 -12.56 25.03 -1.71
CA VAL B 11 -11.19 25.52 -1.94
C VAL B 11 -11.23 26.74 -2.90
N ILE B 12 -12.03 26.62 -3.96
CA ILE B 12 -12.17 27.70 -4.96
C ILE B 12 -12.72 28.94 -4.25
N ARG B 13 -13.70 28.75 -3.35
CA ARG B 13 -14.33 29.88 -2.72
C ARG B 13 -13.33 30.57 -1.79
N ARG B 14 -12.53 29.81 -1.02
CA ARG B 14 -11.56 30.42 -0.12
C ARG B 14 -10.48 31.14 -0.91
N ALA B 15 -10.09 30.63 -2.08
CA ALA B 15 -9.17 31.37 -2.98
C ALA B 15 -9.80 32.70 -3.41
N GLN B 16 -11.05 32.65 -3.85
CA GLN B 16 -11.76 33.82 -4.30
C GLN B 16 -11.85 34.89 -3.19
N GLU B 17 -11.97 34.48 -1.93
CA GLU B 17 -12.16 35.40 -0.82
C GLU B 17 -10.84 36.02 -0.36
N ASN B 18 -9.69 35.45 -0.76
CA ASN B 18 -8.40 36.03 -0.38
C ASN B 18 -7.44 35.81 -1.57
N LYS B 19 -7.50 36.75 -2.51
CA LYS B 19 -6.92 36.58 -3.83
C LYS B 19 -5.40 36.54 -3.80
N GLN B 20 -4.83 35.44 -4.31
CA GLN B 20 -3.41 35.24 -4.41
C GLN B 20 -2.93 35.50 -5.86
N ARG B 21 -1.65 35.87 -5.98
CA ARG B 21 -1.00 36.10 -7.27
C ARG B 21 -0.21 34.83 -7.63
N ILE B 22 -0.53 34.22 -8.77
CA ILE B 22 0.03 32.91 -9.16
C ILE B 22 0.75 33.10 -10.48
N VAL B 23 1.99 32.60 -10.52
CA VAL B 23 2.84 32.69 -11.69
C VAL B 23 2.70 31.38 -12.47
N LEU B 24 2.47 31.52 -13.77
CA LEU B 24 2.39 30.42 -14.74
C LEU B 24 3.53 30.61 -15.72
N PRO B 25 4.71 29.98 -15.47
CA PRO B 25 5.86 30.12 -16.35
C PRO B 25 5.68 29.59 -17.78
N GLU B 26 4.74 28.66 -17.98
CA GLU B 26 4.51 28.04 -19.28
C GLU B 26 3.46 28.87 -20.03
N GLY B 27 3.77 30.14 -20.28
CA GLY B 27 2.77 31.11 -20.72
C GLY B 27 2.29 30.94 -22.17
N LEU B 28 2.85 30.00 -22.95
CA LEU B 28 2.36 29.75 -24.31
C LEU B 28 1.64 28.39 -24.41
N GLU B 29 1.54 27.65 -23.32
CA GLU B 29 0.93 26.36 -23.35
C GLU B 29 -0.59 26.52 -23.37
N PRO B 30 -1.32 25.94 -24.36
CA PRO B 30 -2.74 26.23 -24.54
C PRO B 30 -3.66 25.79 -23.38
N ARG B 31 -3.39 24.62 -22.76
CA ARG B 31 -4.22 24.17 -21.61
C ARG B 31 -4.08 25.17 -20.45
N THR B 32 -2.85 25.63 -20.22
CA THR B 32 -2.51 26.61 -19.16
C THR B 32 -3.27 27.92 -19.39
N LEU B 33 -3.23 28.44 -20.63
CA LEU B 33 -3.86 29.73 -20.96
C LEU B 33 -5.38 29.62 -20.82
N GLU B 34 -5.96 28.50 -21.29
CA GLU B 34 -7.39 28.25 -21.18
C GLU B 34 -7.80 28.23 -19.69
N ALA B 35 -7.02 27.52 -18.86
CA ALA B 35 -7.28 27.48 -17.44
C ALA B 35 -7.15 28.89 -16.80
N ALA B 36 -6.07 29.60 -17.14
CA ALA B 36 -5.85 30.99 -16.68
C ALA B 36 -7.06 31.85 -17.01
N ASP B 37 -7.63 31.68 -18.21
CA ASP B 37 -8.75 32.51 -18.66
C ASP B 37 -9.97 32.27 -17.74
N ARG B 38 -10.20 30.99 -17.37
CA ARG B 38 -11.34 30.60 -16.52
C ARG B 38 -11.13 31.09 -15.08
N LEU B 39 -9.91 30.92 -14.58
CA LEU B 39 -9.55 31.41 -13.25
C LEU B 39 -9.75 32.93 -13.14
N MET B 40 -9.39 33.69 -14.19
CA MET B 40 -9.54 35.16 -14.16
C MET B 40 -11.04 35.52 -14.32
N ALA B 41 -11.78 34.84 -15.20
CA ALA B 41 -13.25 35.04 -15.32
C ALA B 41 -13.94 34.84 -13.97
N ASP B 42 -13.55 33.81 -13.22
CA ASP B 42 -14.16 33.46 -11.97
C ASP B 42 -13.47 34.17 -10.78
N LYS B 43 -12.44 34.97 -11.07
CA LYS B 43 -11.72 35.80 -10.07
C LYS B 43 -11.19 34.94 -8.93
N VAL B 44 -10.57 33.80 -9.29
CA VAL B 44 -10.08 32.86 -8.32
C VAL B 44 -8.71 33.36 -7.83
N VAL B 45 -7.88 33.82 -8.78
CA VAL B 45 -6.51 34.31 -8.53
C VAL B 45 -6.18 35.41 -9.55
N ASN B 46 -5.11 36.17 -9.25
CA ASN B 46 -4.50 37.13 -10.14
C ASN B 46 -3.36 36.40 -10.86
N ILE B 47 -3.35 36.44 -12.19
CA ILE B 47 -2.46 35.60 -12.97
C ILE B 47 -1.26 36.43 -13.43
N ILE B 48 -0.08 35.81 -13.38
CA ILE B 48 1.13 36.30 -14.03
C ILE B 48 1.61 35.23 -15.04
N LEU B 49 1.70 35.58 -16.32
CA LEU B 49 2.15 34.72 -17.37
C LEU B 49 3.58 35.10 -17.76
N ILE B 50 4.43 34.09 -17.98
CA ILE B 50 5.77 34.34 -18.45
C ILE B 50 5.87 33.99 -19.92
N GLY B 51 6.39 34.92 -20.70
CA GLY B 51 6.64 34.74 -22.11
C GLY B 51 6.85 36.07 -22.80
N ASN B 52 7.35 36.02 -24.04
CA ASN B 52 7.42 37.18 -24.89
C ASN B 52 6.00 37.77 -24.97
N VAL B 53 5.89 39.07 -24.70
CA VAL B 53 4.57 39.69 -24.48
C VAL B 53 3.75 39.59 -25.77
N ASP B 54 4.37 39.94 -26.91
CA ASP B 54 3.66 39.91 -28.19
C ASP B 54 3.25 38.47 -28.51
N SER B 55 4.11 37.48 -28.27
CA SER B 55 3.76 36.06 -28.53
C SER B 55 2.59 35.59 -27.64
N VAL B 56 2.62 35.95 -26.35
CA VAL B 56 1.57 35.48 -25.45
C VAL B 56 0.25 36.12 -25.88
N LYS B 57 0.26 37.44 -26.12
CA LYS B 57 -0.96 38.15 -26.55
C LYS B 57 -1.49 37.55 -27.86
N ALA B 58 -0.57 37.23 -28.79
CA ALA B 58 -0.93 36.58 -30.05
C ALA B 58 -1.62 35.24 -29.79
N LYS B 59 -1.09 34.45 -28.85
CA LYS B 59 -1.63 33.13 -28.59
C LYS B 59 -2.99 33.27 -27.89
N VAL B 60 -3.12 34.25 -26.99
CA VAL B 60 -4.38 34.49 -26.30
C VAL B 60 -5.47 34.81 -27.35
N ALA B 61 -5.19 35.75 -28.26
CA ALA B 61 -6.17 36.16 -29.29
C ALA B 61 -6.48 34.96 -30.20
N GLU B 62 -5.45 34.18 -30.55
CA GLU B 62 -5.59 33.00 -31.39
C GLU B 62 -6.50 31.95 -30.75
N LEU B 63 -6.48 31.77 -29.43
CA LEU B 63 -7.32 30.74 -28.76
C LEU B 63 -8.69 31.32 -28.40
N GLY B 64 -8.89 32.62 -28.66
CA GLY B 64 -10.15 33.29 -28.44
C GLY B 64 -10.46 33.52 -26.97
N LEU B 65 -9.42 33.78 -26.18
CA LEU B 65 -9.64 33.92 -24.76
C LEU B 65 -9.90 35.39 -24.47
N LYS B 66 -10.99 35.69 -23.75
CA LYS B 66 -11.42 37.09 -23.60
C LYS B 66 -11.26 37.59 -22.16
N ASN B 67 -10.73 36.78 -21.24
CA ASN B 67 -10.65 37.22 -19.82
C ASN B 67 -9.20 37.42 -19.36
N LEU B 68 -8.24 37.63 -20.28
CA LEU B 68 -6.82 37.72 -19.84
C LEU B 68 -6.21 39.11 -20.05
N ASP B 69 -7.03 40.15 -20.26
CA ASP B 69 -6.50 41.46 -20.52
C ASP B 69 -5.81 42.00 -19.26
N GLU B 70 -6.23 41.54 -18.07
CA GLU B 70 -5.66 42.00 -16.78
C GLU B 70 -4.54 41.07 -16.30
N ALA B 71 -4.23 40.01 -17.04
CA ALA B 71 -3.11 39.18 -16.68
C ALA B 71 -1.83 39.98 -16.90
N VAL B 72 -0.88 39.87 -15.95
CA VAL B 72 0.43 40.46 -16.09
C VAL B 72 1.28 39.50 -16.93
N ILE B 73 1.99 40.00 -17.94
CA ILE B 73 2.85 39.18 -18.79
C ILE B 73 4.28 39.70 -18.67
N ILE B 74 5.23 38.82 -18.34
CA ILE B 74 6.61 39.19 -18.08
C ILE B 74 7.49 38.39 -19.04
N ASP B 75 8.21 39.13 -19.89
CA ASP B 75 9.15 38.55 -20.84
C ASP B 75 10.45 38.33 -20.08
N PRO B 76 10.89 37.07 -19.96
CA PRO B 76 12.12 36.79 -19.21
C PRO B 76 13.36 37.49 -19.82
N ASN B 77 13.31 37.80 -21.12
N ASN B 77 13.32 37.76 -21.14
CA ASN B 77 14.44 38.42 -21.80
CA ASN B 77 14.39 38.43 -21.90
C ASN B 77 14.53 39.93 -21.47
C ASN B 77 14.53 39.89 -21.43
N ASN B 78 13.41 40.55 -21.12
CA ASN B 78 13.39 42.03 -20.93
C ASN B 78 12.24 42.50 -20.03
N HIS B 79 12.58 42.90 -18.81
CA HIS B 79 11.59 43.39 -17.84
C HIS B 79 12.32 44.16 -16.75
N PRO B 80 11.66 45.12 -16.07
CA PRO B 80 12.32 46.04 -15.16
C PRO B 80 13.01 45.41 -13.95
N LYS B 81 12.67 44.18 -13.54
CA LYS B 81 13.27 43.57 -12.35
C LYS B 81 14.33 42.52 -12.69
N LYS B 82 14.82 42.51 -13.93
CA LYS B 82 15.79 41.48 -14.35
C LYS B 82 17.06 41.53 -13.50
N GLN B 83 17.62 42.73 -13.33
CA GLN B 83 18.87 42.83 -12.58
C GLN B 83 18.62 42.49 -11.11
N GLN B 84 17.53 42.99 -10.55
CA GLN B 84 17.17 42.72 -9.16
C GLN B 84 17.08 41.20 -8.92
N TYR B 85 16.39 40.49 -9.83
CA TYR B 85 16.21 39.03 -9.69
C TYR B 85 17.53 38.31 -9.92
N THR B 86 18.33 38.81 -10.87
CA THR B 86 19.66 38.27 -11.11
C THR B 86 20.53 38.38 -9.84
N ASP B 87 20.53 39.55 -9.21
CA ASP B 87 21.28 39.80 -7.96
C ASP B 87 20.78 38.86 -6.86
N LEU B 88 19.45 38.76 -6.71
CA LEU B 88 18.85 37.84 -5.70
C LEU B 88 19.30 36.40 -5.98
N LEU B 89 19.23 35.96 -7.24
CA LEU B 89 19.66 34.60 -7.59
C LEU B 89 21.14 34.37 -7.21
N LEU B 90 22.04 35.31 -7.56
CA LEU B 90 23.46 35.21 -7.17
C LEU B 90 23.59 35.16 -5.64
N GLN B 91 22.87 36.02 -4.93
CA GLN B 91 22.89 35.98 -3.47
C GLN B 91 22.52 34.58 -2.95
N ILE B 92 21.52 33.92 -3.55
CA ILE B 92 21.09 32.62 -3.07
C ILE B 92 22.08 31.52 -3.51
N ARG B 93 22.67 31.62 -4.70
CA ARG B 93 23.26 30.46 -5.40
C ARG B 93 24.70 30.66 -5.95
N GLN B 94 25.44 31.75 -5.65
CA GLN B 94 26.80 31.91 -6.24
C GLN B 94 27.78 30.94 -5.57
N LYS B 95 27.85 31.03 -4.24
CA LYS B 95 28.51 30.08 -3.32
C LYS B 95 28.34 28.62 -3.80
N LYS B 96 27.17 28.26 -4.32
CA LYS B 96 26.85 26.89 -4.75
C LYS B 96 27.33 26.64 -6.18
N GLY B 97 28.17 27.53 -6.73
CA GLY B 97 28.87 27.28 -8.00
C GLY B 97 28.31 28.10 -9.17
N LEU B 98 27.32 28.95 -8.91
CA LEU B 98 26.73 29.76 -9.96
C LEU B 98 27.58 31.02 -10.14
N THR B 99 28.06 31.22 -11.38
CA THR B 99 28.82 32.38 -11.78
C THR B 99 27.83 33.48 -12.17
N PRO B 100 28.21 34.78 -12.17
CA PRO B 100 27.33 35.83 -12.67
C PRO B 100 26.95 35.62 -14.14
N GLU B 101 27.87 34.99 -14.86
CA GLU B 101 27.70 34.63 -16.25
C GLU B 101 26.48 33.71 -16.44
N LYS B 102 26.35 32.74 -15.53
CA LYS B 102 25.36 31.68 -15.62
C LYS B 102 24.05 32.14 -14.95
N ALA B 103 24.14 32.96 -13.91
CA ALA B 103 22.99 33.62 -13.31
C ALA B 103 22.22 34.40 -14.37
N ALA B 104 22.94 35.15 -15.22
CA ALA B 104 22.35 35.94 -16.29
C ALA B 104 21.58 35.04 -17.27
N GLU B 105 22.04 33.79 -17.50
CA GLU B 105 21.33 32.83 -18.36
C GLU B 105 20.06 32.30 -17.64
N LEU B 106 20.24 31.79 -16.43
CA LEU B 106 19.17 31.16 -15.64
C LEU B 106 18.00 32.12 -15.45
N VAL B 107 18.28 33.40 -15.21
CA VAL B 107 17.24 34.33 -14.86
C VAL B 107 16.27 34.48 -16.05
N GLU B 108 16.75 34.15 -17.27
CA GLU B 108 15.94 34.18 -18.47
C GLU B 108 15.17 32.86 -18.68
N ASN B 109 15.37 31.87 -17.81
CA ASN B 109 14.63 30.60 -17.93
C ASN B 109 13.33 30.82 -17.17
N PRO B 110 12.14 30.67 -17.82
CA PRO B 110 10.85 30.95 -17.20
C PRO B 110 10.62 30.33 -15.81
N LEU B 111 11.13 29.12 -15.57
CA LEU B 111 10.91 28.41 -14.32
C LEU B 111 11.73 29.07 -13.18
N TYR B 112 12.98 29.45 -13.49
CA TYR B 112 13.82 30.16 -12.52
C TYR B 112 13.23 31.56 -12.27
N LEU B 113 12.85 32.26 -13.35
CA LEU B 113 12.28 33.59 -13.21
C LEU B 113 11.03 33.53 -12.34
N GLY B 114 10.16 32.54 -12.60
CA GLY B 114 8.93 32.40 -11.84
C GLY B 114 9.20 32.21 -10.37
N CYS B 115 10.21 31.38 -10.05
CA CYS B 115 10.56 31.13 -8.63
C CYS B 115 11.11 32.39 -7.96
N LEU B 116 11.87 33.19 -8.72
CA LEU B 116 12.45 34.43 -8.20
C LEU B 116 11.33 35.46 -7.96
N ILE B 117 10.31 35.48 -8.83
CA ILE B 117 9.15 36.38 -8.64
C ILE B 117 8.48 36.08 -7.29
N VAL B 118 8.17 34.81 -7.05
CA VAL B 118 7.59 34.36 -5.80
C VAL B 118 8.50 34.68 -4.60
N LYS B 119 9.77 34.27 -4.71
CA LYS B 119 10.72 34.43 -3.61
C LYS B 119 10.85 35.91 -3.22
N SER B 120 10.80 36.82 -4.19
CA SER B 120 10.93 38.26 -3.99
C SER B 120 9.69 38.86 -3.33
N GLY B 121 8.58 38.12 -3.29
CA GLY B 121 7.33 38.62 -2.75
C GLY B 121 6.49 39.32 -3.81
N ASP B 122 6.85 39.16 -5.09
CA ASP B 122 6.07 39.74 -6.21
C ASP B 122 4.98 38.76 -6.69
N ALA B 123 4.93 37.57 -6.09
CA ALA B 123 3.82 36.64 -6.29
C ALA B 123 3.78 35.69 -5.08
N ASP B 124 2.75 34.84 -5.02
CA ASP B 124 2.43 34.08 -3.84
C ASP B 124 2.62 32.58 -4.05
N GLY B 125 2.66 32.15 -5.32
CA GLY B 125 2.80 30.76 -5.67
C GLY B 125 3.02 30.59 -7.17
N LEU B 126 3.32 29.35 -7.58
CA LEU B 126 3.67 29.06 -8.98
C LEU B 126 3.13 27.68 -9.35
N ILE B 127 2.69 27.54 -10.59
CA ILE B 127 2.28 26.25 -11.15
C ILE B 127 2.99 26.06 -12.49
N ALA B 128 3.59 24.86 -12.68
CA ALA B 128 4.09 24.52 -13.98
C ALA B 128 4.00 23.00 -14.17
N GLY B 129 4.57 22.50 -15.26
CA GLY B 129 4.75 21.06 -15.50
C GLY B 129 3.84 20.51 -16.58
N ALA B 130 3.04 21.37 -17.24
CA ALA B 130 2.25 20.94 -18.39
C ALA B 130 3.18 20.64 -19.56
N GLN B 131 4.31 21.37 -19.62
CA GLN B 131 5.25 21.16 -20.66
C GLN B 131 6.68 21.03 -20.09
N ASN B 132 6.84 20.74 -18.79
CA ASN B 132 8.14 20.47 -18.21
C ASN B 132 8.06 19.22 -17.34
N THR B 133 9.22 18.57 -17.16
CA THR B 133 9.36 17.43 -16.25
C THR B 133 9.23 17.92 -14.81
N THR B 134 8.81 17.02 -13.94
CA THR B 134 8.74 17.23 -12.51
C THR B 134 10.06 17.81 -12.00
N GLY B 135 11.17 17.15 -12.34
CA GLY B 135 12.49 17.60 -11.92
C GLY B 135 12.79 19.02 -12.36
N ASP B 136 12.47 19.40 -13.58
CA ASP B 136 12.76 20.79 -14.02
C ASP B 136 11.86 21.82 -13.30
N VAL B 137 10.70 21.39 -12.80
CA VAL B 137 9.85 22.30 -11.99
C VAL B 137 10.40 22.37 -10.56
N LEU B 138 10.67 21.22 -9.95
CA LEU B 138 11.01 21.16 -8.53
C LEU B 138 12.38 21.76 -8.23
N ARG B 139 13.34 21.59 -9.14
CA ARG B 139 14.74 21.93 -8.88
C ARG B 139 14.84 23.43 -8.59
N PRO B 140 14.43 24.33 -9.51
CA PRO B 140 14.49 25.77 -9.23
C PRO B 140 13.69 26.13 -7.96
N ALA B 141 12.60 25.42 -7.68
CA ALA B 141 11.77 25.70 -6.51
C ALA B 141 12.56 25.39 -5.22
N LEU B 142 13.31 24.28 -5.22
CA LEU B 142 14.10 23.89 -4.06
C LEU B 142 15.34 24.79 -3.94
N GLN B 143 15.90 25.23 -5.06
CA GLN B 143 17.12 26.04 -5.07
C GLN B 143 16.84 27.49 -4.62
N VAL B 144 15.70 28.05 -5.07
CA VAL B 144 15.39 29.47 -4.93
C VAL B 144 14.38 29.71 -3.80
N ILE B 145 13.25 29.01 -3.83
CA ILE B 145 12.22 29.30 -2.87
C ILE B 145 12.57 28.61 -1.55
N LYS B 146 13.03 27.37 -1.63
CA LYS B 146 13.50 26.57 -0.47
C LYS B 146 12.33 26.22 0.45
N THR B 147 12.64 25.62 1.59
CA THR B 147 11.67 25.02 2.49
C THR B 147 11.22 26.03 3.55
N ALA B 148 10.06 25.74 4.14
CA ALA B 148 9.42 26.60 5.12
C ALA B 148 10.23 26.57 6.41
N PRO B 149 10.08 27.58 7.30
CA PRO B 149 10.84 27.61 8.56
C PRO B 149 10.62 26.33 9.37
N GLY B 150 11.72 25.65 9.73
CA GLY B 150 11.66 24.45 10.59
C GLY B 150 11.40 23.16 9.82
N MET B 151 11.72 23.20 8.51
CA MET B 151 11.59 22.06 7.61
C MET B 151 12.78 22.07 6.67
N THR B 152 13.29 20.87 6.33
CA THR B 152 14.39 20.70 5.39
C THR B 152 13.99 19.82 4.20
N SER B 153 12.79 19.25 4.22
CA SER B 153 12.38 18.33 3.17
C SER B 153 10.97 18.72 2.67
N VAL B 154 10.75 18.54 1.35
CA VAL B 154 9.46 18.65 0.76
C VAL B 154 8.97 17.24 0.41
N SER B 155 7.66 17.10 0.43
CA SER B 155 7.03 15.82 0.23
C SER B 155 5.78 16.04 -0.64
N GLY B 156 5.20 14.94 -1.12
CA GLY B 156 3.96 15.02 -1.91
C GLY B 156 2.81 14.31 -1.22
N THR B 157 1.65 15.00 -1.14
CA THR B 157 0.42 14.47 -0.57
C THR B 157 -0.65 14.38 -1.67
N PHE B 158 -1.53 13.39 -1.52
CA PHE B 158 -2.72 13.26 -2.30
C PHE B 158 -3.95 13.49 -1.41
N LEU B 159 -4.93 14.23 -1.92
CA LEU B 159 -6.28 14.12 -1.37
C LEU B 159 -6.85 12.82 -1.91
N LEU B 160 -7.24 11.92 -1.03
CA LEU B 160 -7.82 10.69 -1.47
C LEU B 160 -9.31 10.67 -1.09
N PHE B 161 -10.18 10.90 -2.09
CA PHE B 161 -11.64 10.94 -1.85
C PHE B 161 -12.20 9.54 -2.11
N THR B 162 -12.50 8.82 -1.04
CA THR B 162 -12.94 7.46 -1.16
C THR B 162 -14.46 7.42 -1.10
N LYS B 163 -15.00 6.27 -1.48
CA LYS B 163 -16.41 5.94 -1.43
C LYS B 163 -16.78 5.42 -0.03
N ALA B 164 -15.85 5.39 0.93
CA ALA B 164 -16.15 4.84 2.24
C ALA B 164 -16.31 6.01 3.24
N LYS B 165 -17.52 6.56 3.28
CA LYS B 165 -17.80 7.80 3.97
C LYS B 165 -17.65 7.64 5.49
N GLU B 166 -17.66 6.41 6.00
CA GLU B 166 -17.41 6.15 7.43
C GLU B 166 -15.92 6.36 7.82
N TYR B 167 -15.01 6.58 6.86
CA TYR B 167 -13.58 6.85 7.20
C TYR B 167 -13.22 8.30 6.86
N GLY B 168 -12.22 8.82 7.55
CA GLY B 168 -11.69 10.14 7.27
C GLY B 168 -12.75 11.22 7.46
N LYS B 169 -12.70 12.29 6.66
CA LYS B 169 -13.76 13.29 6.64
C LYS B 169 -14.71 12.96 5.48
N ASP B 170 -15.80 12.24 5.79
CA ASP B 170 -16.77 11.86 4.75
C ASP B 170 -16.04 11.20 3.58
N GLY B 171 -15.10 10.30 3.90
CA GLY B 171 -14.44 9.49 2.89
C GLY B 171 -13.09 10.04 2.45
N LEU B 172 -12.80 11.30 2.82
CA LEU B 172 -11.53 11.96 2.45
C LEU B 172 -10.45 11.68 3.50
N LEU B 173 -9.29 11.21 3.03
CA LEU B 173 -8.06 11.22 3.82
C LEU B 173 -6.96 11.87 3.00
N LEU B 174 -6.03 12.53 3.67
CA LEU B 174 -4.78 12.95 3.03
C LEU B 174 -3.72 11.89 3.29
N VAL B 175 -2.92 11.61 2.28
CA VAL B 175 -1.91 10.52 2.37
C VAL B 175 -0.59 11.06 1.85
N ALA B 176 0.52 10.65 2.49
CA ALA B 176 1.86 11.15 2.13
C ALA B 176 2.90 10.22 2.71
N ASP B 177 4.15 10.26 2.26
CA ASP B 177 4.62 10.92 1.04
C ASP B 177 4.51 9.90 -0.10
N CYS B 178 3.75 10.26 -1.13
CA CYS B 178 3.39 9.37 -2.23
C CYS B 178 4.12 9.68 -3.53
N ALA B 179 5.07 10.62 -3.50
CA ALA B 179 5.68 11.09 -4.75
C ALA B 179 7.18 11.42 -4.65
N VAL B 180 7.71 11.84 -3.48
CA VAL B 180 9.00 12.52 -3.51
C VAL B 180 10.12 11.67 -2.91
N ILE B 181 10.06 11.39 -1.60
CA ILE B 181 11.22 10.81 -0.89
C ILE B 181 11.10 9.29 -0.89
N PRO B 182 12.05 8.55 -1.51
CA PRO B 182 11.99 7.09 -1.51
C PRO B 182 11.99 6.45 -0.12
N ASN B 183 12.91 6.89 0.74
CA ASN B 183 13.11 6.21 2.02
C ASN B 183 13.43 7.25 3.08
N PRO B 184 12.40 7.97 3.59
CA PRO B 184 12.61 8.99 4.60
C PRO B 184 13.33 8.41 5.82
N THR B 185 14.30 9.17 6.35
CA THR B 185 14.79 8.99 7.70
C THR B 185 13.65 9.28 8.71
N ALA B 186 13.89 8.99 9.99
CA ALA B 186 12.97 9.27 11.06
C ALA B 186 12.62 10.76 11.08
N ASP B 187 13.63 11.61 10.89
CA ASP B 187 13.46 13.04 10.93
C ASP B 187 12.57 13.50 9.75
N GLU B 188 12.87 13.01 8.55
CA GLU B 188 12.08 13.33 7.35
C GLU B 188 10.62 12.91 7.53
N LEU B 189 10.42 11.71 8.05
CA LEU B 189 9.08 11.16 8.25
C LEU B 189 8.29 12.03 9.23
N ALA B 190 8.94 12.57 10.27
CA ALA B 190 8.28 13.48 11.23
C ALA B 190 7.86 14.79 10.54
N GLN B 191 8.72 15.29 9.66
CA GLN B 191 8.42 16.51 8.91
C GLN B 191 7.27 16.25 7.93
N ILE B 192 7.28 15.09 7.27
CA ILE B 192 6.13 14.69 6.43
C ILE B 192 4.85 14.71 7.26
N ALA B 193 4.90 14.15 8.48
CA ALA B 193 3.74 14.07 9.30
C ALA B 193 3.20 15.47 9.62
N VAL B 194 4.06 16.42 10.01
CA VAL B 194 3.61 17.77 10.40
C VAL B 194 3.11 18.54 9.16
N ALA B 195 3.86 18.43 8.06
CA ALA B 195 3.50 19.11 6.82
C ALA B 195 2.12 18.66 6.32
N THR B 196 1.88 17.34 6.31
CA THR B 196 0.60 16.84 5.78
C THR B 196 -0.58 17.29 6.67
N ALA B 197 -0.37 17.31 7.98
CA ALA B 197 -1.40 17.79 8.91
C ALA B 197 -1.75 19.25 8.61
N ARG B 198 -0.74 20.09 8.35
CA ARG B 198 -0.96 21.51 8.08
C ARG B 198 -1.59 21.68 6.69
N THR B 199 -1.24 20.82 5.72
CA THR B 199 -1.93 20.83 4.42
C THR B 199 -3.41 20.44 4.64
N ALA B 200 -3.66 19.47 5.51
CA ALA B 200 -5.00 19.03 5.80
C ALA B 200 -5.84 20.21 6.31
N LYS B 201 -5.30 20.93 7.28
CA LYS B 201 -5.91 22.17 7.83
C LYS B 201 -6.16 23.23 6.74
N ALA B 202 -5.17 23.47 5.88
CA ALA B 202 -5.19 24.57 4.92
C ALA B 202 -6.13 24.29 3.73
N ILE B 203 -6.16 23.06 3.26
CA ILE B 203 -6.83 22.72 2.02
C ILE B 203 -8.21 22.14 2.34
N ALA B 204 -8.27 21.20 3.30
CA ALA B 204 -9.42 20.38 3.49
C ALA B 204 -10.24 20.86 4.70
N ASP B 205 -9.75 21.88 5.42
CA ASP B 205 -10.42 22.44 6.57
C ASP B 205 -10.76 21.32 7.56
N ILE B 206 -9.80 20.43 7.80
CA ILE B 206 -9.93 19.23 8.60
C ILE B 206 -9.22 19.47 9.94
N GLU B 207 -9.74 18.90 11.03
CA GLU B 207 -8.99 18.73 12.29
C GLU B 207 -8.11 17.49 12.13
N PRO B 208 -6.80 17.63 11.88
CA PRO B 208 -5.98 16.47 11.51
C PRO B 208 -5.79 15.50 12.67
N ARG B 209 -6.00 14.22 12.39
CA ARG B 209 -5.60 13.12 13.22
C ARG B 209 -4.70 12.22 12.38
N VAL B 210 -3.41 12.21 12.73
CA VAL B 210 -2.37 11.67 11.85
C VAL B 210 -1.92 10.30 12.39
N ALA B 211 -2.08 9.26 11.55
CA ALA B 211 -1.62 7.93 11.82
C ALA B 211 -0.28 7.69 11.10
N MET B 212 0.73 7.36 11.91
CA MET B 212 2.04 6.94 11.42
C MET B 212 2.01 5.42 11.21
N LEU B 213 1.90 4.99 9.94
CA LEU B 213 1.58 3.60 9.61
C LEU B 213 2.84 2.72 9.57
N SER B 214 2.62 1.44 9.87
CA SER B 214 3.64 0.40 10.01
C SER B 214 2.94 -0.95 9.80
N PHE B 215 3.70 -2.06 9.83
CA PHE B 215 3.02 -3.38 9.85
C PHE B 215 2.83 -3.84 11.31
N SER B 216 3.27 -3.00 12.25
CA SER B 216 3.14 -3.13 13.67
C SER B 216 2.13 -2.10 14.22
N THR B 217 1.45 -2.45 15.31
CA THR B 217 0.68 -1.50 16.13
C THR B 217 1.17 -1.54 17.58
N LYS B 218 1.66 -0.38 18.07
CA LYS B 218 2.14 -0.19 19.46
C LYS B 218 2.95 -1.42 19.94
N GLY B 219 4.00 -1.77 19.19
CA GLY B 219 4.95 -2.83 19.56
C GLY B 219 4.54 -4.27 19.21
N SER B 220 3.47 -4.48 18.44
CA SER B 220 2.96 -5.85 18.11
C SER B 220 3.97 -6.63 17.25
N ALA B 221 4.69 -5.94 16.37
CA ALA B 221 5.61 -6.57 15.42
C ALA B 221 6.92 -5.76 15.38
N LYS B 222 7.75 -5.97 16.41
CA LYS B 222 9.01 -5.25 16.55
C LYS B 222 9.95 -5.65 15.40
N HIS B 223 10.68 -4.65 14.88
CA HIS B 223 11.57 -4.79 13.73
C HIS B 223 12.27 -3.46 13.49
N GLU B 224 13.42 -3.53 12.84
CA GLU B 224 14.20 -2.38 12.39
C GLU B 224 13.27 -1.31 11.75
N MET B 225 12.37 -1.74 10.83
CA MET B 225 11.51 -0.82 10.04
C MET B 225 10.47 -0.13 10.94
N THR B 226 10.00 -0.82 11.99
CA THR B 226 9.02 -0.29 12.98
C THR B 226 9.66 0.82 13.83
N ASP B 227 10.94 0.66 14.17
CA ASP B 227 11.69 1.60 15.07
C ASP B 227 11.72 3.00 14.46
N LYS B 228 11.83 3.09 13.14
CA LYS B 228 11.91 4.38 12.44
C LYS B 228 10.60 5.17 12.63
N VAL B 229 9.47 4.44 12.58
CA VAL B 229 8.17 5.04 12.66
C VAL B 229 7.89 5.45 14.11
N VAL B 230 8.38 4.66 15.07
CA VAL B 230 8.28 5.02 16.51
C VAL B 230 9.00 6.35 16.74
N GLU B 231 10.25 6.43 16.26
CA GLU B 231 11.07 7.65 16.42
C GLU B 231 10.43 8.84 15.70
N ALA B 232 9.94 8.62 14.47
CA ALA B 232 9.26 9.66 13.68
C ALA B 232 8.04 10.19 14.44
N THR B 233 7.26 9.29 15.04
CA THR B 233 6.08 9.67 15.80
C THR B 233 6.46 10.62 16.93
N ARG B 234 7.43 10.18 17.74
CA ARG B 234 7.97 10.96 18.87
C ARG B 234 8.41 12.34 18.37
N MET B 235 9.24 12.38 17.33
CA MET B 235 9.83 13.63 16.88
C MET B 235 8.73 14.55 16.31
N ALA B 236 7.68 13.99 15.70
CA ALA B 236 6.58 14.80 15.14
C ALA B 236 5.79 15.46 16.28
N GLN B 237 5.50 14.67 17.32
CA GLN B 237 4.75 15.11 18.49
C GLN B 237 5.48 16.27 19.17
N GLU B 238 6.82 16.17 19.24
CA GLU B 238 7.70 17.20 19.80
C GLU B 238 7.70 18.45 18.94
N MET B 239 7.79 18.28 17.61
CA MET B 239 7.88 19.43 16.69
C MET B 239 6.53 20.18 16.69
N ALA B 240 5.42 19.50 17.01
CA ALA B 240 4.07 20.07 16.86
C ALA B 240 3.14 19.60 17.97
N PRO B 241 3.24 20.15 19.20
CA PRO B 241 2.39 19.72 20.30
C PRO B 241 0.92 20.11 20.12
N ASP B 242 0.62 21.00 19.17
CA ASP B 242 -0.77 21.38 18.88
C ASP B 242 -1.52 20.29 18.07
N LEU B 243 -0.80 19.35 17.42
CA LEU B 243 -1.39 18.41 16.43
C LEU B 243 -1.61 17.03 17.05
N LEU B 244 -2.63 16.30 16.61
CA LEU B 244 -2.90 14.94 17.02
C LEU B 244 -2.16 13.97 16.10
N ILE B 245 -1.08 13.36 16.60
CA ILE B 245 -0.25 12.45 15.80
C ILE B 245 0.04 11.25 16.69
N ASP B 246 -0.19 10.03 16.20
CA ASP B 246 0.10 8.83 16.96
C ASP B 246 0.63 7.76 16.01
N GLY B 247 1.26 6.74 16.61
CA GLY B 247 1.95 5.68 15.89
C GLY B 247 2.87 4.91 16.82
N GLU B 248 3.47 3.83 16.35
CA GLU B 248 3.23 3.26 15.04
C GLU B 248 1.90 2.48 15.10
N MET B 249 1.17 2.42 13.98
CA MET B 249 -0.04 1.59 13.92
C MET B 249 -0.33 1.06 12.50
N GLN B 250 -1.04 -0.07 12.44
CA GLN B 250 -1.45 -0.63 11.21
C GLN B 250 -2.63 0.16 10.65
N ALA B 251 -2.91 -0.03 9.36
CA ALA B 251 -3.95 0.71 8.67
C ALA B 251 -5.33 0.40 9.28
N ASP B 252 -5.55 -0.84 9.74
CA ASP B 252 -6.84 -1.20 10.34
C ASP B 252 -7.03 -0.49 11.69
N ALA B 253 -5.98 -0.43 12.53
CA ALA B 253 -5.99 0.35 13.76
C ALA B 253 -6.23 1.84 13.47
N ALA B 254 -5.68 2.37 12.37
CA ALA B 254 -5.83 3.78 12.04
C ALA B 254 -7.30 4.10 11.74
N LEU B 255 -8.00 3.17 11.06
CA LEU B 255 -9.28 3.44 10.44
C LEU B 255 -10.48 2.86 11.21
N VAL B 256 -10.27 1.81 12.00
CA VAL B 256 -11.36 0.99 12.48
C VAL B 256 -11.37 1.06 14.00
N GLU B 257 -12.49 1.56 14.54
CA GLU B 257 -12.64 1.83 15.98
C GLU B 257 -12.46 0.55 16.79
N ARG B 258 -13.01 -0.57 16.33
CA ARG B 258 -12.99 -1.82 17.11
C ARG B 258 -11.56 -2.33 17.20
N VAL B 259 -10.77 -2.12 16.14
CA VAL B 259 -9.40 -2.58 16.15
C VAL B 259 -8.58 -1.62 17.01
N ALA B 260 -8.83 -0.31 16.88
CA ALA B 260 -8.16 0.71 17.69
C ALA B 260 -8.33 0.39 19.18
N ALA B 261 -9.56 0.04 19.59
CA ALA B 261 -9.91 -0.27 20.99
C ALA B 261 -9.05 -1.43 21.50
N LEU B 262 -8.79 -2.41 20.64
CA LEU B 262 -8.03 -3.61 21.03
C LEU B 262 -6.53 -3.34 20.98
N LYS B 263 -6.03 -2.73 19.90
CA LYS B 263 -4.56 -2.72 19.66
C LYS B 263 -3.93 -1.38 20.04
N ALA B 264 -4.73 -0.30 20.11
CA ALA B 264 -4.19 1.05 20.39
C ALA B 264 -5.10 1.79 21.36
N PRO B 265 -5.38 1.22 22.55
CA PRO B 265 -6.35 1.83 23.47
C PRO B 265 -5.83 3.19 23.97
N GLY B 266 -6.73 4.14 24.18
CA GLY B 266 -6.25 5.49 24.57
C GLY B 266 -5.22 6.15 23.61
N SER B 267 -5.22 5.78 22.34
CA SER B 267 -4.81 6.71 21.26
C SER B 267 -5.92 7.74 21.08
N ASN B 268 -5.60 9.01 20.82
CA ASN B 268 -6.58 9.99 20.36
C ASN B 268 -6.61 10.07 18.82
N VAL B 269 -5.86 9.20 18.13
CA VAL B 269 -5.91 9.13 16.67
C VAL B 269 -6.58 7.82 16.20
N ALA B 270 -6.13 6.68 16.73
CA ALA B 270 -6.53 5.39 16.21
C ALA B 270 -8.04 5.27 16.18
N GLY B 271 -8.54 4.64 15.12
CA GLY B 271 -9.94 4.50 14.82
C GLY B 271 -10.59 5.75 14.21
N LYS B 272 -9.89 6.89 14.16
CA LYS B 272 -10.41 8.17 13.72
C LYS B 272 -9.45 8.91 12.77
N ALA B 273 -8.44 8.22 12.21
CA ALA B 273 -7.42 8.90 11.41
C ALA B 273 -8.03 9.52 10.13
N ASN B 274 -7.57 10.69 9.76
CA ASN B 274 -7.93 11.29 8.53
C ASN B 274 -6.68 11.71 7.74
N VAL B 275 -5.49 11.43 8.29
CA VAL B 275 -4.23 11.63 7.62
C VAL B 275 -3.39 10.36 7.83
N LEU B 276 -2.83 9.81 6.74
CA LEU B 276 -2.02 8.64 6.81
C LEU B 276 -0.61 8.97 6.34
N VAL B 277 0.36 8.61 7.18
CA VAL B 277 1.75 8.78 6.83
C VAL B 277 2.37 7.40 6.63
N PHE B 278 2.89 7.19 5.42
CA PHE B 278 3.45 5.95 4.97
C PHE B 278 4.95 5.96 5.24
N PRO B 279 5.55 4.82 5.63
CA PRO B 279 6.96 4.79 6.01
C PRO B 279 7.95 4.90 4.82
N THR B 280 7.54 4.47 3.61
CA THR B 280 8.41 4.59 2.44
C THR B 280 7.55 4.96 1.22
N LEU B 281 8.23 5.33 0.14
CA LEU B 281 7.55 5.64 -1.13
C LEU B 281 6.99 4.34 -1.76
N GLU B 282 7.66 3.20 -1.54
CA GLU B 282 7.10 1.89 -1.95
C GLU B 282 5.67 1.80 -1.39
N VAL B 283 5.52 2.02 -0.08
CA VAL B 283 4.21 1.94 0.53
C VAL B 283 3.28 2.96 -0.13
N GLY B 284 3.69 4.24 -0.12
CA GLY B 284 2.77 5.31 -0.55
C GLY B 284 2.36 5.22 -2.02
N ASN B 285 3.35 5.01 -2.90
CA ASN B 285 3.10 5.00 -4.34
C ASN B 285 2.15 3.82 -4.69
N ILE B 286 2.40 2.65 -4.12
CA ILE B 286 1.58 1.47 -4.37
C ILE B 286 0.19 1.63 -3.74
N ALA B 287 0.13 2.05 -2.46
CA ALA B 287 -1.11 2.01 -1.72
C ALA B 287 -2.15 2.99 -2.30
N TYR B 288 -1.74 4.23 -2.61
CA TYR B 288 -2.75 5.21 -3.06
C TYR B 288 -3.27 4.79 -4.44
N LYS B 289 -2.41 4.20 -5.29
CA LYS B 289 -2.84 3.78 -6.65
C LYS B 289 -3.82 2.59 -6.58
N LEU B 290 -3.59 1.65 -5.67
CA LEU B 290 -4.50 0.50 -5.47
C LEU B 290 -5.84 0.96 -4.91
N VAL B 291 -5.84 1.91 -3.97
CA VAL B 291 -7.10 2.45 -3.42
C VAL B 291 -7.82 3.21 -4.55
N GLU B 292 -7.06 3.92 -5.38
CA GLU B 292 -7.65 4.66 -6.48
C GLU B 292 -8.33 3.66 -7.44
N ARG B 293 -7.62 2.61 -7.85
CA ARG B 293 -8.10 1.71 -8.92
C ARG B 293 -9.09 0.70 -8.36
N LEU B 294 -8.67 -0.05 -7.34
CA LEU B 294 -9.46 -1.16 -6.79
C LEU B 294 -10.59 -0.66 -5.89
N GLY B 295 -10.44 0.55 -5.34
CA GLY B 295 -11.50 1.14 -4.50
C GLY B 295 -12.42 2.12 -5.20
N HIS B 296 -12.10 2.48 -6.45
CA HIS B 296 -12.73 3.58 -7.21
C HIS B 296 -12.63 4.93 -6.47
N ALA B 297 -11.53 5.17 -5.74
CA ALA B 297 -11.31 6.45 -5.10
C ALA B 297 -10.77 7.45 -6.13
N GLU B 298 -11.00 8.73 -5.85
CA GLU B 298 -10.54 9.85 -6.64
C GLU B 298 -9.32 10.43 -5.89
N ALA B 299 -8.19 10.51 -6.58
CA ALA B 299 -6.94 10.98 -5.99
C ALA B 299 -6.60 12.31 -6.63
N VAL B 300 -6.36 13.34 -5.82
CA VAL B 300 -5.98 14.65 -6.33
C VAL B 300 -4.57 14.95 -5.84
N GLY B 301 -3.67 15.19 -6.79
CA GLY B 301 -2.30 15.52 -6.48
C GLY B 301 -1.37 15.00 -7.56
N PRO B 302 -0.08 14.88 -7.23
CA PRO B 302 0.44 15.24 -5.92
C PRO B 302 0.39 16.75 -5.66
N ILE B 303 0.23 17.10 -4.38
CA ILE B 303 0.35 18.43 -3.86
C ILE B 303 1.65 18.51 -3.08
N LEU B 304 2.57 19.38 -3.53
CA LEU B 304 3.86 19.54 -2.86
C LEU B 304 3.65 20.35 -1.58
N GLN B 305 4.35 19.94 -0.52
CA GLN B 305 4.23 20.56 0.79
C GLN B 305 5.61 20.69 1.39
N GLY B 306 5.76 21.68 2.27
CA GLY B 306 7.04 21.94 2.98
C GLY B 306 7.84 23.10 2.39
N MET B 307 7.38 23.66 1.26
N MET B 307 7.42 23.65 1.25
CA MET B 307 8.02 24.82 0.59
CA MET B 307 8.11 24.78 0.63
C MET B 307 7.68 26.10 1.36
C MET B 307 7.72 26.07 1.37
N ALA B 308 8.59 27.08 1.32
CA ALA B 308 8.35 28.40 1.97
C ALA B 308 7.19 29.11 1.28
N ALA B 309 7.07 28.92 -0.05
CA ALA B 309 5.93 29.39 -0.86
C ALA B 309 5.54 28.30 -1.85
N PRO B 310 4.24 28.09 -2.12
CA PRO B 310 3.80 26.88 -2.82
C PRO B 310 4.15 26.87 -4.31
N VAL B 311 4.84 25.81 -4.75
CA VAL B 311 5.02 25.43 -6.13
C VAL B 311 4.32 24.09 -6.33
N ASN B 312 3.52 23.98 -7.38
CA ASN B 312 2.95 22.69 -7.74
C ASN B 312 3.29 22.33 -9.20
N ASP B 313 3.33 21.01 -9.41
CA ASP B 313 3.75 20.39 -10.61
C ASP B 313 2.57 19.62 -11.21
N LEU B 314 2.15 20.06 -12.40
CA LEU B 314 1.13 19.41 -13.18
C LEU B 314 1.75 18.21 -13.92
N SER B 315 0.92 17.28 -14.36
CA SER B 315 1.33 16.26 -15.29
C SER B 315 1.21 16.81 -16.72
N ARG B 316 1.82 16.09 -17.67
CA ARG B 316 1.89 16.54 -19.04
C ARG B 316 0.53 16.28 -19.71
N GLY B 317 -0.28 15.35 -19.16
CA GLY B 317 -1.63 15.10 -19.65
C GLY B 317 -2.75 15.78 -18.86
N CYS B 318 -2.45 16.77 -18.01
CA CYS B 318 -3.46 17.42 -17.11
C CYS B 318 -4.52 18.17 -17.95
N SER B 319 -5.80 18.02 -17.62
CA SER B 319 -6.87 18.76 -18.30
C SER B 319 -6.88 20.22 -17.85
N VAL B 320 -7.57 21.08 -18.62
CA VAL B 320 -7.88 22.46 -18.22
C VAL B 320 -8.47 22.50 -16.80
N GLU B 321 -9.48 21.64 -16.54
CA GLU B 321 -10.18 21.65 -15.23
C GLU B 321 -9.23 21.24 -14.09
N ASP B 322 -8.29 20.32 -14.36
CA ASP B 322 -7.30 19.86 -13.37
C ASP B 322 -6.29 20.98 -13.07
N ILE B 323 -5.88 21.73 -14.10
CA ILE B 323 -4.99 22.88 -13.91
C ILE B 323 -5.69 23.92 -13.01
N TYR B 324 -6.91 24.29 -13.39
CA TYR B 324 -7.76 25.18 -12.60
C TYR B 324 -7.77 24.73 -11.14
N ARG B 325 -8.04 23.44 -10.91
CA ARG B 325 -8.16 22.89 -9.59
C ARG B 325 -6.84 23.06 -8.83
N MET B 326 -5.69 22.74 -9.48
CA MET B 326 -4.40 22.78 -8.80
C MET B 326 -4.00 24.25 -8.48
N VAL B 327 -4.37 25.18 -9.34
CA VAL B 327 -4.11 26.59 -9.04
C VAL B 327 -4.91 27.01 -7.79
N ALA B 328 -6.17 26.61 -7.68
CA ALA B 328 -7.02 26.94 -6.53
C ALA B 328 -6.39 26.39 -5.24
N ILE B 329 -5.88 25.16 -5.28
CA ILE B 329 -5.20 24.51 -4.17
C ILE B 329 -3.96 25.33 -3.81
N THR B 330 -3.19 25.71 -4.83
CA THR B 330 -1.95 26.45 -4.63
C THR B 330 -2.23 27.75 -3.89
N ALA B 331 -3.31 28.46 -4.27
CA ALA B 331 -3.73 29.69 -3.62
C ALA B 331 -4.02 29.44 -2.13
N ASN B 332 -4.65 28.29 -1.83
CA ASN B 332 -4.98 27.95 -0.44
C ASN B 332 -3.68 27.68 0.34
N GLN B 333 -2.69 27.09 -0.32
CA GLN B 333 -1.45 26.83 0.35
C GLN B 333 -0.71 28.15 0.62
N ALA B 334 -0.84 29.11 -0.28
CA ALA B 334 -0.23 30.45 -0.14
C ALA B 334 -0.86 31.17 1.05
N ILE B 335 -2.19 31.05 1.21
CA ILE B 335 -2.88 31.73 2.32
C ILE B 335 -2.33 31.17 3.65
N ALA B 336 -2.12 29.85 3.69
CA ALA B 336 -1.59 29.15 4.85
C ALA B 336 -0.13 29.58 5.13
N ALA B 337 0.68 29.71 4.08
CA ALA B 337 2.09 30.07 4.23
C ALA B 337 2.25 31.50 4.80
N LYS B 338 1.20 32.32 4.77
CA LYS B 338 1.10 33.59 5.56
C LYS B 338 -0.13 33.56 6.49
N1A ACO C . 10.12 -19.36 5.46
C2A ACO C . 10.84 -20.50 5.62
N3A ACO C . 11.55 -20.75 6.74
C4A ACO C . 11.59 -19.87 7.78
C5A ACO C . 10.84 -18.60 7.65
C6A ACO C . 10.06 -18.40 6.41
N6A ACO C . 9.35 -17.24 6.24
N7A ACO C . 11.05 -17.89 8.78
C8A ACO C . 11.88 -18.66 9.57
N9A ACO C . 12.21 -19.83 8.96
C1B ACO C . 13.08 -20.93 9.54
C2B ACO C . 14.60 -20.73 9.56
O2B ACO C . 15.23 -21.06 8.33
C3B ACO C . 15.02 -21.64 10.71
O3B ACO C . 14.95 -23.08 10.44
P3B ACO C . 15.68 -24.27 11.32
O7A ACO C . 16.93 -23.50 11.69
O8A ACO C . 14.76 -24.61 12.49
O9A ACO C . 15.86 -25.46 10.41
C4B ACO C . 13.95 -21.27 11.70
O4B ACO C . 12.73 -21.18 10.93
C5B ACO C . 14.29 -19.93 12.32
O5B ACO C . 14.03 -20.05 13.70
P1A ACO C . 13.21 -18.88 14.42
O1A ACO C . 13.81 -17.57 13.94
O2A ACO C . 13.01 -19.21 15.89
O3A ACO C . 11.76 -19.06 13.76
P2A ACO C . 10.42 -18.63 14.57
O4A ACO C . 9.35 -19.69 14.42
O5A ACO C . 10.82 -18.23 15.98
O6A ACO C . 9.93 -17.37 13.68
CBP ACO C . 8.31 -17.25 11.91
CCP ACO C . 9.76 -17.49 12.26
CDP ACO C . 7.41 -18.13 12.80
CEP ACO C . 8.09 -17.63 10.45
CAP ACO C . 8.03 -15.76 12.10
OAP ACO C . 8.40 -15.06 10.89
C9P ACO C . 6.61 -15.39 12.43
O9P ACO C . 6.12 -15.62 13.52
N8P ACO C . 6.01 -14.69 11.47
C7P ACO C . 4.88 -13.83 11.69
C6P ACO C . 5.01 -12.71 10.66
C5P ACO C . 5.03 -11.29 11.18
O5P ACO C . 3.98 -10.78 11.47
N4P ACO C . 6.20 -10.63 11.24
C3P ACO C . 6.23 -9.21 11.66
C2P ACO C . 7.60 -8.56 11.92
S1P ACO C . 8.85 -9.48 12.77
C ACO C . 8.27 -9.81 14.32
O ACO C . 8.94 -9.47 15.28
CH3 ACO C . 6.97 -10.54 14.53
N1A ACO D . 13.29 18.25 0.01
C2A ACO D . 14.04 19.36 0.05
N3A ACO D . 15.14 19.55 -0.72
C4A ACO D . 15.55 18.60 -1.56
C5A ACO D . 14.77 17.34 -1.68
C6A ACO D . 13.57 17.21 -0.82
N6A ACO D . 12.80 16.09 -0.86
N7A ACO D . 15.38 16.60 -2.63
C8A ACO D . 16.46 17.31 -3.07
N9A ACO D . 16.55 18.48 -2.41
C1B ACO D . 17.53 19.56 -2.65
C2B ACO D . 18.93 19.10 -2.93
O2B ACO D . 19.69 19.02 -1.74
C3B ACO D . 19.40 20.24 -3.83
O3B ACO D . 19.67 21.44 -3.09
P3B ACO D . 21.05 22.28 -3.26
O7A ACO D . 21.99 21.30 -2.56
O8A ACO D . 21.24 22.40 -4.76
O9A ACO D . 20.66 23.58 -2.58
C4B ACO D . 18.20 20.53 -4.71
O4B ACO D . 17.09 20.28 -3.84
C5B ACO D . 18.19 19.64 -5.94
O5B ACO D . 19.53 19.26 -6.25
P1A ACO D . 19.98 17.77 -6.66
O1A ACO D . 19.44 16.75 -5.70
O2A ACO D . 21.44 17.69 -7.06
O3A ACO D . 19.14 17.80 -8.02
P2A ACO D . 18.15 16.61 -8.39
O4A ACO D . 18.03 16.76 -9.89
O5A ACO D . 18.56 15.32 -7.69
O6A ACO D . 16.78 17.00 -7.65
CBP ACO D . 14.49 16.60 -7.25
CCP ACO D . 15.86 15.96 -7.36
CDP ACO D . 14.39 17.79 -8.20
CEP ACO D . 14.41 17.07 -5.82
CAP ACO D . 13.32 15.65 -7.58
OAP ACO D . 13.04 15.50 -8.99
C9P ACO D . 13.42 14.25 -7.03
O9P ACO D . 14.50 13.76 -6.71
N8P ACO D . 12.29 13.52 -7.00
C7P ACO D . 11.00 13.91 -7.58
C6P ACO D . 10.06 12.72 -7.76
C5P ACO D . 10.85 11.43 -8.00
O5P ACO D . 11.61 11.45 -8.96
N4P ACO D . 10.67 10.36 -7.17
C3P ACO D . 11.33 9.04 -7.32
C2P ACO D . 12.70 9.02 -6.65
S1P ACO D . 13.88 7.89 -7.35
C ACO D . 14.77 8.85 -8.43
O ACO D . 14.43 8.87 -9.60
CH3 ACO D . 16.00 9.66 -8.04
#